data_9V4O
#
_entry.id   9V4O
#
_cell.length_a   1.00
_cell.length_b   1.00
_cell.length_c   1.00
_cell.angle_alpha   90.00
_cell.angle_beta   90.00
_cell.angle_gamma   90.00
#
_symmetry.space_group_name_H-M   'P 1'
#
loop_
_entity.id
_entity.type
_entity.pdbx_description
1 polymer 'DNA (cytosine-5)-methyltransferase 1'
2 non-polymer S-ADENOSYL-L-HOMOCYSTEINE
3 non-polymer 'ZINC ION'
#
_entity_poly.entity_id   1
_entity_poly.type   'polypeptide(L)'
_entity_poly.pdbx_seq_one_letter_code
;MSYYHHHHHHHHHHDYDIDYKDDDDKPTTENLYFQGAMGSMVENGAKAAKRKKRPLPEIQEVEDVPRTRRPRRAAACTSF
KEKSIRVCEKSATIEVKKQQIVEEEFLALRLTALETDVEDRPTRRLNDFVLFDSDGVPQPLEMLEIHDIFVSGAILPSDV
CTDKEKEKGVRCTSFGRVEHWSISGYEDGSPVIWISTELADYDCRKPAASYRKVYDYFYEKARASVAVYKKLSKSSGGDP
DIGLEELLAAVVRSMSSGSKYFSSGAAIIDFVISQGDFIYNQLAGLDETAKKHESSYVEIPVLVALREKSSKIDKPLQRE
RNPSNGVRIKEVSQVAESEALTSDQLVDGTDDDRRYAILLQDEENRKSMQQPRKNSSSGSASNMFYIKINEDEIANDYPL
PSYYKTSEEETDELILYDASYEVQSEHLPHRMLHNWALYNSDLRFISLELLPMKQCDDIDVNIFGSGVVTDDNGSWISLN
DPDSGSQSHDPDGMCIFLSQIKEWMIEFGSDDIISISIRTDVAWYRLGKPSKLYAPWWKPVLKTARVGISILTFLRVESR
VARLSFADVTKRLSGLQANDKAYISSDPLAVERYLVVHGQIILQLFAVYPDDNVKRCPFVVGLASKLEDRHHTKWIIKKK
KISLKELNLNPRAGMAPVASKRKAMQATTTRLVNRIWGEFYSNYSPEDPLQATAAENGEDEVEEEGGNGEEEVEEEGENG
LTEDTVPEPVEVQKPHTPKKIRGSSGKREIKWDGESLGKTSAGEPLYQQALVGGEMVAVGGAVTLEVDDPDEMPAIYFVE
YMFESTDHCKMLHGRFLQRGSMTVLGNAANERELFLTNECMTTQLKDIKGVASFEIRSRPWGHQYRKKNITADKLDWARA
LERKVKDLPTEYYCKSLYSPERGGFFSLPLSDIGRSSGFCTSCKIREDEEKRSTIKLNVSKTGFFINGIEYSVEDFVYVN
PDSIGGLKEGSKTSFKSGRNIGLRAYVVCQLLEIVPKESRKADLGSFDVKVRRFYRPEDVSAEKAYASDIQELYFSQDTV
VLPPGALEGKCEVRKKSDMPLSREYPISDHIFFCDLFFDTSKGSLKQLPANMKPKFSTIKDDTLLRKKKGKGVESEIESE
IVKPVEPPKEIRLATLDIFAGCGGLSHGLKKAGVSDAKWAIEYEEPAGQAFKQNHPESTVFVDNCNVILRAIMEKGGDQD
DCVSTTEANELAAKLTEEQKSTLPLPGQVDFINGGPPCQGFSGMNRFNQSSWSKVQCEMILAFLSFADYFRPRYFLLENV
RTFVSFNKGQTFQLTLASLLEMGYQVRFGILEAGAYGVSQSRKRAFIWAAAPEEVLPEWPEPMHVFGVPKLKISLSQGLH
YAAVRSTALGAPFRPITVRDTIGDLPSVENGDSRTNKEYKEVAVSWFQKEIRGNTIALTDHICKAMNELNLIRCKLIPTR
PGADWHDLPKRKVTLSDGRVEEMIPFCLPNTAERHNGWKGLYGRLDWQGNFPTSVTDPQPMGKVGMCFHPEQHRILTVRE
CARSQGFPDSYEFAGNINHKHRQIGNAVPPPLAFALGRKLKEALHLKKSPQHQP
;
_entity_poly.pdbx_strand_id   A
#
loop_
_chem_comp.id
_chem_comp.type
_chem_comp.name
_chem_comp.formula
SAH non-polymer S-ADENOSYL-L-HOMOCYSTEINE 'C14 H20 N6 O5 S'
ZN non-polymer 'ZINC ION' 'Zn 2'
#
# COMPACT_ATOMS: atom_id res chain seq x y z
N MET A 384 -48.43 16.49 -24.59
CA MET A 384 -47.65 17.39 -23.75
C MET A 384 -46.21 16.89 -23.64
N PHE A 385 -45.36 17.67 -23.00
CA PHE A 385 -43.95 17.34 -22.85
C PHE A 385 -43.63 17.07 -21.39
N TYR A 386 -42.85 16.02 -21.14
CA TYR A 386 -42.51 15.60 -19.79
C TYR A 386 -41.11 16.10 -19.44
N ILE A 387 -41.02 16.92 -18.42
CA ILE A 387 -39.76 17.56 -18.04
C ILE A 387 -39.00 16.65 -17.07
N LYS A 388 -37.79 16.26 -17.44
CA LYS A 388 -36.91 15.51 -16.57
C LYS A 388 -35.76 16.38 -16.12
N ILE A 389 -35.45 16.34 -14.82
CA ILE A 389 -34.42 17.17 -14.23
C ILE A 389 -33.11 16.40 -14.25
N ASN A 390 -32.13 16.96 -14.95
CA ASN A 390 -30.88 16.26 -15.24
C ASN A 390 -30.16 15.90 -13.94
N GLU A 391 -29.18 15.00 -14.07
CA GLU A 391 -28.53 14.43 -12.89
C GLU A 391 -27.75 15.48 -12.10
N ASP A 392 -27.30 16.55 -12.76
CA ASP A 392 -26.54 17.57 -12.05
C ASP A 392 -27.40 18.32 -11.04
N GLU A 393 -28.68 18.51 -11.32
CA GLU A 393 -29.54 19.25 -10.41
C GLU A 393 -29.90 18.42 -9.19
N ILE A 394 -30.04 17.10 -9.34
CA ILE A 394 -30.43 16.24 -8.23
C ILE A 394 -29.25 15.57 -7.55
N ALA A 395 -28.02 15.85 -7.99
CA ALA A 395 -26.87 15.12 -7.49
C ALA A 395 -26.45 15.53 -6.08
N ASN A 396 -26.88 16.70 -5.61
CA ASN A 396 -26.44 17.17 -4.29
C ASN A 396 -26.94 16.27 -3.17
N ASP A 397 -27.96 15.46 -3.42
CA ASP A 397 -28.56 14.63 -2.39
C ASP A 397 -28.09 13.18 -2.41
N TYR A 398 -27.48 12.75 -3.46
CA TYR A 398 -27.15 11.34 -3.56
C TYR A 398 -25.67 11.11 -3.27
N PRO A 399 -25.29 9.91 -2.85
CA PRO A 399 -23.89 9.66 -2.52
C PRO A 399 -22.97 9.72 -3.73
N LEU A 400 -21.69 9.46 -3.49
CA LEU A 400 -20.73 9.44 -4.57
C LEU A 400 -20.95 8.19 -5.42
N PRO A 401 -20.70 8.29 -6.73
CA PRO A 401 -21.01 7.17 -7.64
C PRO A 401 -20.31 5.88 -7.25
N SER A 402 -21.04 4.77 -7.34
CA SER A 402 -20.50 3.44 -7.14
C SER A 402 -21.20 2.48 -8.10
N TYR A 403 -20.68 1.25 -8.18
CA TYR A 403 -20.98 0.35 -9.30
C TYR A 403 -21.45 -1.02 -8.80
N TYR A 404 -21.99 -1.81 -9.73
CA TYR A 404 -22.71 -3.03 -9.42
C TYR A 404 -21.84 -4.27 -9.62
N LYS A 405 -21.91 -5.19 -8.66
CA LYS A 405 -21.20 -6.46 -8.72
C LYS A 405 -22.13 -7.58 -8.29
N THR A 406 -21.92 -8.77 -8.84
CA THR A 406 -22.64 -9.94 -8.37
C THR A 406 -21.79 -11.18 -8.59
N SER A 407 -22.14 -12.25 -7.88
CA SER A 407 -21.43 -13.51 -7.99
C SER A 407 -22.26 -14.65 -8.55
N GLU A 408 -23.59 -14.54 -8.56
CA GLU A 408 -24.45 -15.62 -9.03
C GLU A 408 -24.89 -15.38 -10.46
N GLU A 409 -25.06 -16.48 -11.18
CA GLU A 409 -25.59 -16.43 -12.54
C GLU A 409 -26.99 -15.83 -12.54
N GLU A 410 -27.28 -15.04 -13.56
CA GLU A 410 -28.60 -14.49 -13.76
C GLU A 410 -29.15 -14.92 -15.11
N THR A 411 -30.38 -15.41 -15.10
CA THR A 411 -31.14 -15.58 -16.33
C THR A 411 -31.45 -14.22 -16.92
N ASP A 412 -31.59 -14.17 -18.24
CA ASP A 412 -32.10 -12.95 -18.83
C ASP A 412 -33.62 -12.93 -18.78
N GLU A 413 -34.17 -11.72 -18.85
CA GLU A 413 -35.60 -11.53 -18.67
C GLU A 413 -36.42 -12.05 -19.83
N LEU A 414 -35.95 -11.90 -21.06
CA LEU A 414 -36.82 -12.06 -22.22
C LEU A 414 -37.17 -13.51 -22.54
N ILE A 415 -36.53 -14.49 -21.92
CA ILE A 415 -36.83 -15.88 -22.24
C ILE A 415 -37.94 -16.47 -21.36
N LEU A 416 -38.20 -15.90 -20.19
CA LEU A 416 -39.23 -16.43 -19.32
C LEU A 416 -40.63 -16.08 -19.80
N TYR A 417 -40.76 -15.22 -20.80
CA TYR A 417 -42.05 -14.80 -21.31
C TYR A 417 -42.09 -15.00 -22.81
N ASP A 418 -43.27 -15.24 -23.34
CA ASP A 418 -43.46 -15.42 -24.77
C ASP A 418 -43.36 -14.06 -25.48
N ALA A 419 -43.52 -14.07 -26.79
CA ALA A 419 -43.39 -12.84 -27.57
C ALA A 419 -44.51 -11.85 -27.21
N SER A 420 -44.14 -10.57 -27.20
CA SER A 420 -45.03 -9.51 -26.76
C SER A 420 -45.51 -8.73 -27.98
N TYR A 421 -46.74 -8.98 -28.39
CA TYR A 421 -47.38 -8.25 -29.47
C TYR A 421 -48.03 -7.00 -28.91
N GLU A 422 -48.85 -6.34 -29.71
CA GLU A 422 -49.48 -5.09 -29.31
C GLU A 422 -50.43 -5.31 -28.13
N VAL A 423 -50.04 -4.81 -26.96
CA VAL A 423 -50.76 -5.05 -25.72
C VAL A 423 -50.84 -3.73 -24.94
N GLN A 424 -52.01 -3.45 -24.37
CA GLN A 424 -52.12 -2.32 -23.45
C GLN A 424 -51.31 -2.59 -22.20
N SER A 425 -50.67 -1.54 -21.68
CA SER A 425 -49.79 -1.70 -20.53
C SER A 425 -50.53 -2.18 -19.29
N GLU A 426 -51.85 -2.09 -19.28
CA GLU A 426 -52.63 -2.65 -18.19
C GLU A 426 -52.46 -4.16 -18.11
N HIS A 427 -52.49 -4.84 -19.25
CA HIS A 427 -52.49 -6.30 -19.27
C HIS A 427 -51.09 -6.84 -19.56
N LEU A 428 -50.24 -6.78 -18.54
CA LEU A 428 -48.95 -7.44 -18.57
C LEU A 428 -48.76 -8.19 -17.26
N PRO A 429 -47.86 -9.18 -17.23
CA PRO A 429 -47.60 -9.90 -15.99
C PRO A 429 -47.21 -8.96 -14.87
N HIS A 430 -47.77 -9.22 -13.69
CA HIS A 430 -47.40 -8.51 -12.47
C HIS A 430 -46.61 -9.46 -11.58
N ARG A 431 -45.38 -9.07 -11.24
CA ARG A 431 -44.50 -9.91 -10.42
C ARG A 431 -43.84 -9.07 -9.33
N MET A 432 -42.81 -9.60 -8.67
CA MET A 432 -42.11 -8.85 -7.63
C MET A 432 -40.61 -9.15 -7.66
N LEU A 433 -39.84 -8.24 -7.06
CA LEU A 433 -38.38 -8.33 -6.99
C LEU A 433 -37.92 -8.13 -5.55
N HIS A 434 -36.86 -8.84 -5.19
CA HIS A 434 -36.21 -8.68 -3.90
C HIS A 434 -34.71 -8.66 -4.12
N ASN A 435 -34.02 -7.86 -3.30
CA ASN A 435 -32.60 -7.55 -3.50
C ASN A 435 -32.35 -7.00 -4.91
N TRP A 436 -32.94 -5.85 -5.18
CA TRP A 436 -32.83 -5.25 -6.51
C TRP A 436 -31.87 -4.06 -6.50
N ALA A 437 -31.50 -3.66 -7.71
CA ALA A 437 -30.63 -2.51 -7.94
C ALA A 437 -30.93 -1.96 -9.33
N LEU A 438 -30.56 -0.71 -9.55
CA LEU A 438 -30.73 -0.05 -10.83
C LEU A 438 -29.41 0.57 -11.28
N TYR A 439 -29.14 0.51 -12.57
CA TYR A 439 -27.85 0.90 -13.13
C TYR A 439 -27.98 1.25 -14.61
N ASN A 440 -27.01 2.02 -15.10
CA ASN A 440 -26.95 2.48 -16.48
C ASN A 440 -26.11 1.52 -17.31
N SER A 441 -25.73 1.94 -18.52
CA SER A 441 -24.94 1.06 -19.39
C SER A 441 -23.49 0.93 -18.96
N ASP A 442 -23.02 1.76 -18.04
CA ASP A 442 -21.69 1.64 -17.47
C ASP A 442 -21.67 0.94 -16.12
N LEU A 443 -22.82 0.44 -15.67
CA LEU A 443 -23.00 -0.26 -14.40
C LEU A 443 -22.93 0.65 -13.18
N ARG A 444 -23.26 1.93 -13.34
CA ARG A 444 -23.25 2.88 -12.24
C ARG A 444 -24.63 2.95 -11.60
N PHE A 445 -24.67 3.06 -10.27
CA PHE A 445 -25.93 3.14 -9.55
C PHE A 445 -26.63 4.46 -9.86
N ILE A 446 -27.94 4.37 -10.11
CA ILE A 446 -28.71 5.50 -10.61
C ILE A 446 -30.07 5.54 -9.91
N SER A 447 -30.70 6.70 -9.94
CA SER A 447 -31.93 6.96 -9.21
C SER A 447 -33.16 6.58 -10.01
N LEU A 448 -34.31 6.54 -9.33
CA LEU A 448 -35.62 6.37 -9.93
C LEU A 448 -36.19 7.67 -10.50
N GLU A 449 -35.57 8.81 -10.20
CA GLU A 449 -36.06 10.09 -10.67
C GLU A 449 -35.59 10.42 -12.08
N LEU A 450 -34.76 9.56 -12.66
CA LEU A 450 -34.29 9.71 -14.03
C LEU A 450 -35.09 8.87 -15.02
N LEU A 451 -36.15 8.24 -14.57
CA LEU A 451 -37.10 7.53 -15.40
C LEU A 451 -38.43 8.28 -15.43
N PRO A 452 -39.20 8.15 -16.50
CA PRO A 452 -40.50 8.84 -16.57
C PRO A 452 -41.48 8.35 -15.53
N MET A 453 -42.32 9.26 -15.07
CA MET A 453 -43.45 8.91 -14.22
C MET A 453 -44.61 8.39 -15.03
N LYS A 454 -44.61 8.62 -16.34
CA LYS A 454 -45.68 8.27 -17.26
C LYS A 454 -45.10 7.58 -18.49
N GLN A 455 -45.95 7.36 -19.48
CA GLN A 455 -45.53 6.66 -20.70
C GLN A 455 -45.04 7.67 -21.73
N CYS A 456 -43.78 7.54 -22.11
CA CYS A 456 -43.15 8.39 -23.11
C CYS A 456 -42.87 7.56 -24.35
N ASP A 457 -42.53 8.24 -25.44
CA ASP A 457 -42.24 7.54 -26.69
C ASP A 457 -40.75 7.24 -26.80
N ASP A 458 -39.92 8.27 -26.79
CA ASP A 458 -38.47 8.12 -26.93
C ASP A 458 -37.80 8.45 -25.61
N ILE A 459 -36.84 7.62 -25.23
CA ILE A 459 -36.08 7.80 -24.00
C ILE A 459 -34.60 7.78 -24.37
N ASP A 460 -33.85 8.77 -23.88
CA ASP A 460 -32.43 8.89 -24.12
C ASP A 460 -31.59 8.28 -23.02
N VAL A 461 -32.22 7.68 -22.00
CA VAL A 461 -31.49 7.11 -20.88
C VAL A 461 -31.75 5.61 -20.86
N ASN A 462 -30.69 4.85 -20.66
CA ASN A 462 -30.73 3.39 -20.68
C ASN A 462 -30.54 2.89 -19.27
N ILE A 463 -31.63 2.43 -18.65
CA ILE A 463 -31.61 1.96 -17.27
C ILE A 463 -32.07 0.52 -17.23
N PHE A 464 -31.40 -0.30 -16.43
CA PHE A 464 -31.72 -1.72 -16.29
C PHE A 464 -31.73 -2.11 -14.82
N GLY A 465 -31.77 -3.40 -14.51
CA GLY A 465 -31.74 -3.78 -13.10
C GLY A 465 -31.56 -5.27 -12.89
N SER A 466 -31.50 -5.62 -11.60
CA SER A 466 -31.46 -7.00 -11.12
C SER A 466 -32.64 -7.23 -10.19
N GLY A 467 -32.90 -8.50 -9.91
CA GLY A 467 -33.97 -8.81 -8.98
C GLY A 467 -34.20 -10.30 -8.90
N VAL A 468 -34.81 -10.70 -7.79
CA VAL A 468 -35.22 -12.07 -7.54
C VAL A 468 -36.72 -12.17 -7.81
N VAL A 469 -37.11 -12.96 -8.80
CA VAL A 469 -38.51 -13.02 -9.20
C VAL A 469 -39.28 -13.83 -8.18
N THR A 470 -40.51 -13.40 -7.90
CA THR A 470 -41.37 -14.01 -6.90
C THR A 470 -42.79 -13.83 -7.42
N ASP A 471 -43.79 -14.00 -6.56
CA ASP A 471 -45.18 -13.81 -6.94
C ASP A 471 -45.72 -12.54 -6.29
N ASP A 472 -46.70 -11.94 -6.95
CA ASP A 472 -47.31 -10.69 -6.49
C ASP A 472 -48.13 -10.97 -5.24
N ASN A 473 -47.56 -10.70 -4.07
CA ASN A 473 -48.26 -11.01 -2.83
C ASN A 473 -48.98 -9.83 -2.22
N GLY A 474 -48.45 -8.62 -2.37
CA GLY A 474 -49.14 -7.45 -1.87
C GLY A 474 -48.39 -6.73 -0.78
N SER A 475 -47.07 -6.78 -0.81
CA SER A 475 -46.27 -6.06 0.18
C SER A 475 -46.37 -4.56 -0.04
N TRP A 476 -46.42 -3.82 1.06
CA TRP A 476 -46.38 -2.37 1.03
C TRP A 476 -45.34 -1.91 2.04
N ILE A 477 -44.79 -0.72 1.83
CA ILE A 477 -43.73 -0.18 2.67
C ILE A 477 -44.35 0.85 3.62
N SER A 478 -44.01 0.73 4.90
CA SER A 478 -44.51 1.63 5.94
C SER A 478 -43.48 2.73 6.15
N LEU A 479 -43.93 3.98 6.02
CA LEU A 479 -42.99 5.10 6.05
C LEU A 479 -42.51 5.38 7.47
N ASN A 480 -43.38 5.26 8.46
CA ASN A 480 -42.99 5.48 9.84
C ASN A 480 -42.32 4.21 10.36
N ASP A 481 -41.01 4.14 10.18
CA ASP A 481 -40.24 2.97 10.63
C ASP A 481 -38.78 3.34 10.86
N HIS A 489 -38.09 -12.67 2.94
CA HIS A 489 -38.47 -13.88 2.21
C HIS A 489 -37.78 -13.94 0.86
N ASP A 490 -36.92 -14.94 0.67
CA ASP A 490 -36.21 -15.06 -0.59
C ASP A 490 -35.69 -16.48 -0.79
N PRO A 491 -36.56 -17.43 -1.15
CA PRO A 491 -36.08 -18.75 -1.58
C PRO A 491 -35.45 -18.75 -2.96
N ASP A 492 -35.17 -17.57 -3.51
CA ASP A 492 -34.60 -17.41 -4.84
C ASP A 492 -35.52 -18.04 -5.87
N GLY A 493 -36.70 -17.45 -6.06
CA GLY A 493 -37.60 -17.89 -7.11
C GLY A 493 -36.89 -17.94 -8.44
N MET A 494 -36.12 -16.90 -8.74
CA MET A 494 -35.10 -16.94 -9.78
C MET A 494 -34.32 -15.62 -9.75
N CYS A 495 -33.05 -15.64 -10.12
CA CYS A 495 -32.24 -14.43 -10.15
C CYS A 495 -32.07 -13.97 -11.60
N ILE A 496 -32.58 -12.79 -11.92
CA ILE A 496 -32.64 -12.34 -13.30
C ILE A 496 -31.93 -11.00 -13.45
N PHE A 497 -31.56 -10.67 -14.68
CA PHE A 497 -31.10 -9.33 -15.02
C PHE A 497 -32.03 -8.77 -16.09
N LEU A 498 -32.39 -7.50 -15.94
CA LEU A 498 -33.55 -6.94 -16.60
C LEU A 498 -33.20 -6.25 -17.91
N SER A 499 -34.24 -5.96 -18.68
CA SER A 499 -34.14 -5.27 -19.95
C SER A 499 -34.31 -3.77 -19.72
N GLN A 500 -34.54 -3.02 -20.79
CA GLN A 500 -34.61 -1.57 -20.70
C GLN A 500 -35.83 -1.14 -19.89
N ILE A 501 -35.59 -0.46 -18.77
CA ILE A 501 -36.66 0.04 -17.91
C ILE A 501 -37.17 1.35 -18.49
N LYS A 502 -38.48 1.47 -18.60
CA LYS A 502 -39.07 2.60 -19.33
C LYS A 502 -40.09 3.39 -18.53
N GLU A 503 -40.32 3.07 -17.25
CA GLU A 503 -41.40 3.69 -16.50
C GLU A 503 -41.26 3.30 -15.04
N TRP A 504 -41.87 4.09 -14.16
CA TRP A 504 -42.13 3.67 -12.79
C TRP A 504 -43.41 4.34 -12.30
N MET A 505 -43.70 4.19 -11.02
CA MET A 505 -45.04 4.44 -10.53
C MET A 505 -45.04 4.42 -9.01
N ILE A 506 -45.88 5.26 -8.40
CA ILE A 506 -46.12 5.25 -6.96
C ILE A 506 -47.62 5.29 -6.72
N GLU A 507 -48.12 4.37 -5.90
CA GLU A 507 -49.51 4.35 -5.48
C GLU A 507 -49.62 4.65 -3.99
N PHE A 508 -50.66 5.40 -3.65
CA PHE A 508 -50.87 5.90 -2.31
C PHE A 508 -51.94 5.07 -1.61
N GLY A 509 -51.52 4.26 -0.64
CA GLY A 509 -52.44 3.60 0.26
C GLY A 509 -52.91 4.53 1.34
N SER A 510 -52.92 4.03 2.58
CA SER A 510 -53.08 4.90 3.73
C SER A 510 -51.85 5.77 3.89
N ASP A 511 -51.97 6.80 4.73
CA ASP A 511 -50.79 7.59 5.08
C ASP A 511 -49.73 6.69 5.67
N ASP A 512 -48.47 6.98 5.31
CA ASP A 512 -47.30 6.21 5.72
C ASP A 512 -47.32 4.79 5.17
N ILE A 513 -48.11 4.53 4.12
CA ILE A 513 -48.11 3.24 3.42
C ILE A 513 -48.22 3.52 1.93
N ILE A 514 -47.18 3.12 1.17
CA ILE A 514 -47.11 3.35 -0.26
C ILE A 514 -46.53 2.10 -0.92
N SER A 515 -46.56 2.09 -2.26
CA SER A 515 -46.02 1.00 -3.05
C SER A 515 -45.45 1.54 -4.35
N ILE A 516 -44.37 0.92 -4.83
CA ILE A 516 -43.63 1.41 -5.98
C ILE A 516 -43.43 0.29 -6.99
N SER A 517 -43.84 0.53 -8.24
CA SER A 517 -43.81 -0.47 -9.30
C SER A 517 -43.09 0.09 -10.53
N ILE A 518 -42.47 -0.79 -11.31
CA ILE A 518 -41.71 -0.41 -12.50
C ILE A 518 -42.13 -1.30 -13.68
N ARG A 519 -41.63 -0.94 -14.87
CA ARG A 519 -42.04 -1.57 -16.13
C ARG A 519 -40.87 -1.81 -17.07
N THR A 520 -40.92 -2.94 -17.79
CA THR A 520 -40.16 -3.17 -19.01
C THR A 520 -41.14 -3.59 -20.10
N ASP A 521 -40.63 -3.86 -21.30
CA ASP A 521 -41.52 -4.12 -22.43
C ASP A 521 -42.20 -5.48 -22.37
N VAL A 522 -41.94 -6.32 -21.37
CA VAL A 522 -42.58 -7.62 -21.30
C VAL A 522 -43.54 -7.76 -20.13
N ALA A 523 -43.43 -6.96 -19.06
CA ALA A 523 -44.23 -7.18 -17.87
C ALA A 523 -44.14 -5.96 -16.96
N TRP A 524 -44.86 -6.03 -15.84
CA TRP A 524 -44.83 -5.04 -14.77
C TRP A 524 -44.22 -5.70 -13.53
N TYR A 525 -43.36 -4.98 -12.84
CA TYR A 525 -42.64 -5.51 -11.68
C TYR A 525 -42.88 -4.63 -10.47
N ARG A 526 -43.24 -5.24 -9.35
CA ARG A 526 -43.39 -4.54 -8.09
C ARG A 526 -42.14 -4.72 -7.24
N LEU A 527 -41.85 -3.72 -6.43
CA LEU A 527 -40.57 -3.60 -5.75
C LEU A 527 -40.71 -3.90 -4.27
N GLY A 528 -39.64 -4.45 -3.69
CA GLY A 528 -39.64 -4.78 -2.29
C GLY A 528 -38.50 -4.15 -1.54
N LYS A 529 -37.75 -4.94 -0.84
CA LYS A 529 -36.63 -4.44 -0.07
C LYS A 529 -35.39 -4.35 -0.96
N PRO A 530 -34.69 -3.23 -0.97
CA PRO A 530 -33.50 -3.10 -1.82
C PRO A 530 -32.30 -3.81 -1.22
N SER A 531 -31.26 -3.95 -2.04
CA SER A 531 -30.01 -4.52 -1.58
C SER A 531 -29.35 -3.56 -0.59
N LYS A 532 -28.34 -4.07 0.11
CA LYS A 532 -27.63 -3.24 1.06
C LYS A 532 -26.94 -2.07 0.39
N LEU A 533 -26.32 -2.30 -0.75
CA LEU A 533 -25.49 -1.29 -1.37
C LEU A 533 -26.28 -0.26 -2.17
N TYR A 534 -27.46 -0.61 -2.64
CA TYR A 534 -28.31 0.36 -3.32
C TYR A 534 -29.23 1.10 -2.37
N ALA A 535 -29.26 0.74 -1.09
CA ALA A 535 -30.10 1.44 -0.13
C ALA A 535 -29.84 2.95 -0.05
N PRO A 536 -28.60 3.45 -0.11
CA PRO A 536 -28.41 4.91 -0.08
C PRO A 536 -29.04 5.64 -1.26
N TRP A 537 -29.35 4.95 -2.35
CA TRP A 537 -30.07 5.55 -3.47
C TRP A 537 -31.57 5.33 -3.36
N TRP A 538 -32.02 4.58 -2.35
CA TRP A 538 -33.42 4.35 -2.04
C TRP A 538 -33.93 5.33 -1.00
N LYS A 539 -33.10 5.65 -0.02
CA LYS A 539 -33.53 6.54 1.06
C LYS A 539 -33.94 7.94 0.59
N PRO A 540 -33.25 8.61 -0.34
CA PRO A 540 -33.71 9.94 -0.76
C PRO A 540 -35.09 9.96 -1.41
N VAL A 541 -35.54 8.86 -2.01
CA VAL A 541 -36.88 8.85 -2.61
C VAL A 541 -37.96 8.87 -1.53
N LEU A 542 -37.77 8.09 -0.47
CA LEU A 542 -38.75 8.06 0.61
C LEU A 542 -38.78 9.36 1.40
N LYS A 543 -37.65 10.08 1.46
CA LYS A 543 -37.66 11.38 2.11
C LYS A 543 -38.58 12.36 1.39
N THR A 544 -38.53 12.36 0.06
CA THR A 544 -39.44 13.20 -0.71
C THR A 544 -40.87 12.74 -0.56
N ALA A 545 -41.08 11.43 -0.40
CA ALA A 545 -42.42 10.93 -0.10
C ALA A 545 -42.94 11.49 1.22
N ARG A 546 -42.08 11.52 2.24
CA ARG A 546 -42.47 12.12 3.51
C ARG A 546 -42.80 13.60 3.37
N VAL A 547 -41.99 14.34 2.61
CA VAL A 547 -42.25 15.76 2.42
C VAL A 547 -43.58 15.99 1.73
N GLY A 548 -43.87 15.22 0.68
CA GLY A 548 -45.14 15.35 -0.01
C GLY A 548 -46.32 15.03 0.89
N ILE A 549 -46.22 13.96 1.66
CA ILE A 549 -47.28 13.62 2.60
C ILE A 549 -47.50 14.75 3.58
N SER A 550 -46.41 15.35 4.08
CA SER A 550 -46.54 16.45 5.02
C SER A 550 -47.28 17.62 4.39
N ILE A 551 -46.94 17.95 3.14
CA ILE A 551 -47.59 19.08 2.49
C ILE A 551 -49.07 18.81 2.29
N LEU A 552 -49.43 17.57 1.97
CA LEU A 552 -50.84 17.22 1.87
C LEU A 552 -51.54 17.41 3.22
N THR A 553 -50.92 16.92 4.28
CA THR A 553 -51.46 17.01 5.62
C THR A 553 -51.72 18.46 6.01
N PHE A 554 -50.73 19.35 5.87
CA PHE A 554 -50.94 20.72 6.30
C PHE A 554 -51.43 21.63 5.16
N LEU A 555 -51.89 21.06 4.05
CA LEU A 555 -52.78 21.77 3.14
C LEU A 555 -54.24 21.44 3.42
N ARG A 556 -54.49 20.27 4.00
CA ARG A 556 -55.85 19.87 4.32
C ARG A 556 -56.14 20.04 5.81
N VAL A 557 -55.13 19.91 6.66
CA VAL A 557 -55.34 20.14 8.09
C VAL A 557 -55.79 21.58 8.25
N GLU A 558 -55.10 22.50 7.60
CA GLU A 558 -55.51 23.88 7.64
C GLU A 558 -56.81 23.98 6.87
N SER A 559 -57.11 22.97 6.07
CA SER A 559 -58.33 22.97 5.28
C SER A 559 -58.33 24.17 4.36
N ARG A 560 -59.51 24.61 3.91
CA ARG A 560 -59.53 25.70 2.95
C ARG A 560 -58.38 25.44 2.01
N VAL A 561 -58.36 24.25 1.42
CA VAL A 561 -57.23 23.86 0.58
C VAL A 561 -56.67 24.99 -0.28
N ALA A 562 -57.54 25.76 -0.93
CA ALA A 562 -57.08 26.87 -1.75
C ALA A 562 -56.76 28.08 -0.88
N ARG A 563 -55.74 27.95 -0.04
CA ARG A 563 -55.36 29.04 0.84
C ARG A 563 -53.85 29.24 0.82
N LEU A 564 -53.11 28.16 1.01
CA LEU A 564 -51.65 28.25 1.03
C LEU A 564 -51.08 28.59 -0.33
N SER A 565 -49.92 29.23 -0.36
CA SER A 565 -49.26 29.56 -1.61
C SER A 565 -47.85 29.01 -1.59
N PHE A 566 -47.24 28.87 -2.76
CA PHE A 566 -45.89 28.34 -2.84
C PHE A 566 -45.01 29.03 -1.79
N ALA A 567 -45.07 30.36 -1.72
CA ALA A 567 -44.30 31.07 -0.72
C ALA A 567 -44.76 30.74 0.69
N ASP A 568 -46.07 30.57 0.89
CA ASP A 568 -46.56 30.22 2.21
C ASP A 568 -46.08 28.84 2.64
N VAL A 569 -46.09 27.89 1.71
CA VAL A 569 -45.62 26.55 2.00
C VAL A 569 -44.13 26.55 2.26
N THR A 570 -43.38 27.37 1.52
CA THR A 570 -41.95 27.52 1.79
C THR A 570 -41.71 28.09 3.18
N LYS A 571 -42.52 29.07 3.60
CA LYS A 571 -42.36 29.63 4.94
C LYS A 571 -42.66 28.60 6.01
N ARG A 572 -43.81 27.92 5.91
CA ARG A 572 -44.15 26.98 6.99
C ARG A 572 -43.22 25.78 7.02
N LEU A 573 -42.78 25.30 5.87
CA LEU A 573 -41.77 24.25 5.84
C LEU A 573 -40.47 24.71 6.48
N SER A 574 -40.08 25.96 6.22
CA SER A 574 -38.78 26.44 6.68
C SER A 574 -38.71 26.59 8.19
N GLY A 575 -39.85 26.74 8.86
CA GLY A 575 -39.85 26.89 10.29
C GLY A 575 -39.86 25.60 11.08
N LEU A 576 -39.77 24.47 10.42
CA LEU A 576 -39.85 23.20 11.12
C LEU A 576 -38.57 22.95 11.92
N GLN A 577 -38.72 22.19 13.00
CA GLN A 577 -37.60 21.85 13.86
C GLN A 577 -36.76 20.78 13.20
N ALA A 578 -35.49 20.73 13.59
CA ALA A 578 -34.57 19.78 12.98
C ALA A 578 -34.68 18.41 13.64
N ASN A 579 -35.90 17.93 13.80
CA ASN A 579 -36.15 16.52 14.09
C ASN A 579 -37.32 15.95 13.29
N ASP A 580 -38.23 16.77 12.80
CA ASP A 580 -39.34 16.28 12.00
C ASP A 580 -38.82 15.65 10.72
N LYS A 581 -39.52 14.62 10.26
CA LYS A 581 -39.07 13.88 9.09
C LYS A 581 -39.24 14.69 7.80
N ALA A 582 -40.02 15.76 7.83
CA ALA A 582 -40.22 16.62 6.67
C ALA A 582 -39.29 17.84 6.67
N TYR A 583 -38.11 17.73 7.26
CA TYR A 583 -37.22 18.87 7.41
C TYR A 583 -36.34 18.99 6.18
N ILE A 584 -36.62 20.00 5.35
CA ILE A 584 -35.80 20.26 4.18
C ILE A 584 -34.59 21.11 4.55
N SER A 585 -34.84 22.32 5.02
CA SER A 585 -33.82 23.26 5.46
C SER A 585 -34.52 24.45 6.10
N SER A 586 -33.74 25.22 6.86
CA SER A 586 -34.25 26.40 7.55
C SER A 586 -34.11 27.66 6.71
N ASP A 587 -33.66 27.53 5.47
CA ASP A 587 -33.49 28.62 4.55
C ASP A 587 -34.56 28.55 3.46
N PRO A 588 -35.28 29.64 3.16
CA PRO A 588 -36.28 29.58 2.08
C PRO A 588 -35.73 29.15 0.73
N LEU A 589 -34.53 29.61 0.38
CA LEU A 589 -34.02 29.32 -0.96
C LEU A 589 -33.64 27.84 -1.12
N ALA A 590 -33.03 27.26 -0.08
CA ALA A 590 -32.74 25.83 -0.13
C ALA A 590 -34.03 25.01 -0.21
N VAL A 591 -35.08 25.45 0.48
CA VAL A 591 -36.35 24.75 0.44
C VAL A 591 -36.94 24.76 -0.97
N GLU A 592 -36.97 25.94 -1.60
CA GLU A 592 -37.56 25.97 -2.94
C GLU A 592 -36.70 25.22 -3.95
N ARG A 593 -35.38 25.24 -3.75
CA ARG A 593 -34.50 24.39 -4.55
C ARG A 593 -34.90 22.93 -4.44
N TYR A 594 -35.05 22.43 -3.21
CA TYR A 594 -35.40 21.03 -3.02
C TYR A 594 -36.74 20.71 -3.66
N LEU A 595 -37.75 21.56 -3.46
CA LEU A 595 -39.06 21.24 -4.00
C LEU A 595 -39.06 21.23 -5.52
N VAL A 596 -38.41 22.20 -6.16
CA VAL A 596 -38.43 22.25 -7.61
C VAL A 596 -37.60 21.14 -8.21
N VAL A 597 -36.44 20.83 -7.62
CA VAL A 597 -35.58 19.77 -8.15
C VAL A 597 -36.30 18.41 -8.13
N HIS A 598 -36.97 18.08 -7.04
CA HIS A 598 -37.64 16.81 -6.89
C HIS A 598 -39.13 16.88 -7.23
N GLY A 599 -39.50 17.75 -8.16
CA GLY A 599 -40.88 18.19 -8.29
C GLY A 599 -41.86 17.18 -8.87
N GLN A 600 -41.37 16.20 -9.63
CA GLN A 600 -42.30 15.26 -10.26
C GLN A 600 -42.85 14.24 -9.27
N ILE A 601 -42.12 13.92 -8.21
CA ILE A 601 -42.64 13.01 -7.19
C ILE A 601 -43.82 13.66 -6.46
N ILE A 602 -43.66 14.92 -6.06
CA ILE A 602 -44.77 15.66 -5.46
C ILE A 602 -45.91 15.81 -6.46
N LEU A 603 -45.58 16.03 -7.74
CA LEU A 603 -46.64 16.27 -8.72
C LEU A 603 -47.51 15.04 -8.94
N GLN A 604 -46.93 13.84 -8.90
CA GLN A 604 -47.76 12.65 -9.01
C GLN A 604 -48.48 12.36 -7.70
N LEU A 605 -47.78 12.53 -6.57
CA LEU A 605 -48.45 12.31 -5.28
C LEU A 605 -49.63 13.23 -5.09
N PHE A 606 -49.64 14.38 -5.77
CA PHE A 606 -50.77 15.28 -5.79
C PHE A 606 -51.76 14.95 -6.91
N ALA A 607 -51.76 13.72 -7.39
CA ALA A 607 -52.73 13.24 -8.35
C ALA A 607 -53.34 11.90 -7.97
N VAL A 608 -52.63 11.11 -7.16
CA VAL A 608 -53.12 9.80 -6.72
C VAL A 608 -53.52 9.82 -5.24
N TYR A 609 -53.68 11.00 -4.65
CA TYR A 609 -54.14 11.13 -3.28
C TYR A 609 -55.64 11.36 -3.29
N PRO A 610 -56.45 10.46 -2.73
CA PRO A 610 -57.88 10.48 -3.04
C PRO A 610 -58.62 11.65 -2.39
N ASP A 611 -58.86 12.69 -3.18
CA ASP A 611 -59.73 13.80 -2.84
C ASP A 611 -59.83 14.73 -4.04
N ASP A 612 -61.01 15.29 -4.26
CA ASP A 612 -61.16 16.31 -5.30
C ASP A 612 -60.99 17.70 -4.70
N ASN A 613 -59.93 17.87 -3.92
CA ASN A 613 -59.56 19.15 -3.37
C ASN A 613 -58.12 19.52 -3.63
N VAL A 614 -57.26 18.55 -3.95
CA VAL A 614 -55.91 18.86 -4.37
C VAL A 614 -55.67 18.31 -5.77
N LYS A 615 -56.13 19.06 -6.77
CA LYS A 615 -55.71 18.94 -8.16
C LYS A 615 -55.58 20.29 -8.84
N ARG A 616 -56.13 21.35 -8.25
CA ARG A 616 -56.12 22.68 -8.81
C ARG A 616 -55.47 23.68 -7.87
N CYS A 617 -54.71 23.21 -6.89
CA CYS A 617 -54.18 24.08 -5.86
C CYS A 617 -53.19 25.08 -6.46
N PRO A 618 -53.08 26.28 -5.90
CA PRO A 618 -52.02 27.20 -6.32
C PRO A 618 -50.62 26.60 -6.26
N PHE A 619 -50.34 25.78 -5.24
CA PHE A 619 -49.05 25.13 -5.16
C PHE A 619 -48.83 24.18 -6.34
N VAL A 620 -49.88 23.42 -6.70
CA VAL A 620 -49.76 22.42 -7.75
C VAL A 620 -49.43 23.07 -9.08
N VAL A 621 -50.13 24.15 -9.43
CA VAL A 621 -49.86 24.80 -10.71
C VAL A 621 -48.60 25.65 -10.65
N GLY A 622 -48.24 26.16 -9.47
CA GLY A 622 -46.99 26.88 -9.35
C GLY A 622 -45.79 26.00 -9.60
N LEU A 623 -45.79 24.78 -9.06
CA LEU A 623 -44.65 23.90 -9.24
C LEU A 623 -44.47 23.52 -10.71
N ALA A 624 -45.57 23.35 -11.45
CA ALA A 624 -45.47 22.98 -12.86
C ALA A 624 -45.06 24.16 -13.72
N SER A 625 -45.59 25.36 -13.43
CA SER A 625 -45.17 26.53 -14.17
C SER A 625 -43.70 26.85 -13.92
N LYS A 626 -43.21 26.56 -12.72
CA LYS A 626 -41.80 26.62 -12.42
C LYS A 626 -41.19 25.37 -13.03
N LEU A 627 -40.02 24.96 -12.53
CA LEU A 627 -39.33 23.75 -13.02
C LEU A 627 -38.56 23.97 -14.32
N GLU A 628 -39.12 24.76 -15.23
CA GLU A 628 -38.48 24.96 -16.53
C GLU A 628 -37.11 25.62 -16.41
N ASP A 629 -36.91 26.49 -15.42
CA ASP A 629 -35.68 27.25 -15.29
C ASP A 629 -34.56 26.46 -14.66
N ARG A 630 -34.67 25.14 -14.63
CA ARG A 630 -33.60 24.25 -14.23
C ARG A 630 -33.10 23.48 -15.45
N HIS A 631 -32.04 22.70 -15.24
CA HIS A 631 -31.55 21.84 -16.31
C HIS A 631 -32.57 20.75 -16.60
N HIS A 632 -32.98 20.63 -17.86
CA HIS A 632 -34.09 19.72 -18.15
C HIS A 632 -34.00 19.16 -19.55
N THR A 633 -34.61 17.99 -19.72
CA THR A 633 -34.78 17.32 -21.00
C THR A 633 -36.27 17.24 -21.29
N LYS A 634 -36.63 17.23 -22.57
CA LYS A 634 -38.03 17.32 -22.98
C LYS A 634 -38.40 16.12 -23.84
N TRP A 635 -39.13 15.18 -23.26
CA TRP A 635 -39.65 14.01 -23.97
C TRP A 635 -41.12 14.21 -24.31
N ILE A 636 -41.67 13.28 -25.10
CA ILE A 636 -43.01 13.40 -25.65
C ILE A 636 -43.91 12.35 -25.01
N ILE A 637 -45.11 12.77 -24.60
CA ILE A 637 -46.07 11.90 -23.93
C ILE A 637 -47.11 11.46 -24.94
N LYS A 638 -47.15 10.15 -25.22
CA LYS A 638 -48.17 9.60 -26.10
C LYS A 638 -48.60 8.24 -25.56
N LYS A 639 -49.85 7.88 -25.84
CA LYS A 639 -50.36 6.58 -25.44
C LYS A 639 -50.08 5.57 -26.55
N LYS A 640 -49.50 4.43 -26.18
CA LYS A 640 -49.05 3.47 -27.16
C LYS A 640 -49.49 2.07 -26.75
N LYS A 641 -48.95 1.04 -27.40
CA LYS A 641 -49.39 -0.32 -27.17
C LYS A 641 -48.17 -1.21 -27.39
N ILE A 642 -47.69 -1.83 -26.30
CA ILE A 642 -46.31 -2.23 -26.16
C ILE A 642 -45.93 -3.37 -27.11
N SER A 643 -44.62 -3.52 -27.37
CA SER A 643 -44.09 -4.64 -28.11
C SER A 643 -42.56 -4.63 -28.03
N LEU A 644 -41.97 -5.82 -27.88
CA LEU A 644 -40.52 -5.95 -27.97
C LEU A 644 -40.02 -5.64 -29.36
N LYS A 645 -38.83 -5.05 -29.44
CA LYS A 645 -38.21 -4.82 -30.74
C LYS A 645 -36.76 -5.27 -30.74
N GLU A 646 -36.14 -5.30 -29.58
CA GLU A 646 -34.69 -5.45 -29.48
C GLU A 646 -34.35 -6.62 -28.58
N LEU A 647 -33.10 -7.06 -28.69
CA LEU A 647 -32.57 -8.01 -27.74
C LEU A 647 -32.18 -7.28 -26.46
N ASN A 648 -31.77 -8.05 -25.46
CA ASN A 648 -31.44 -7.46 -24.17
C ASN A 648 -30.09 -6.77 -24.25
N LEU A 649 -30.11 -5.43 -24.28
CA LEU A 649 -28.89 -4.64 -24.34
C LEU A 649 -28.31 -4.38 -22.96
N ASN A 650 -28.63 -5.22 -22.00
CA ASN A 650 -28.08 -5.08 -20.65
C ASN A 650 -26.57 -5.22 -20.72
N PRO A 651 -25.82 -4.42 -19.95
CA PRO A 651 -24.36 -4.58 -19.91
C PRO A 651 -23.91 -5.92 -19.37
N ARG A 652 -24.79 -6.65 -18.67
CA ARG A 652 -24.45 -7.93 -18.09
C ARG A 652 -24.71 -9.10 -19.03
N ALA A 653 -25.14 -8.85 -20.26
CA ALA A 653 -25.45 -9.91 -21.21
C ALA A 653 -24.16 -10.43 -21.81
N GLY A 654 -23.87 -11.70 -21.60
CA GLY A 654 -22.65 -12.29 -22.06
C GLY A 654 -21.47 -12.13 -21.12
N MET A 655 -21.67 -11.50 -19.98
CA MET A 655 -20.62 -11.29 -19.00
C MET A 655 -20.59 -12.42 -17.98
N ALA A 656 -19.43 -12.89 -17.68
CA ALA A 656 -19.29 -13.93 -16.69
C ALA A 656 -19.35 -13.35 -15.29
N PRO A 657 -19.95 -14.07 -14.34
CA PRO A 657 -19.89 -13.63 -12.94
C PRO A 657 -18.46 -13.67 -12.43
N VAL A 658 -18.17 -12.78 -11.47
CA VAL A 658 -16.83 -12.66 -10.93
C VAL A 658 -16.67 -13.80 -9.94
N ALA A 659 -15.41 -14.17 -9.65
CA ALA A 659 -15.16 -15.30 -8.76
C ALA A 659 -15.65 -14.91 -7.36
N SER A 660 -15.63 -15.86 -6.44
CA SER A 660 -16.14 -15.65 -5.10
C SER A 660 -15.13 -14.89 -4.27
N LYS A 661 -15.39 -14.85 -2.97
CA LYS A 661 -14.59 -14.14 -1.99
C LYS A 661 -14.17 -15.13 -0.90
N ARG A 662 -13.56 -16.23 -1.36
CA ARG A 662 -13.45 -17.51 -0.65
C ARG A 662 -13.36 -17.36 0.86
N LYS A 663 -14.22 -18.10 1.56
CA LYS A 663 -14.32 -17.96 3.01
C LYS A 663 -12.98 -18.20 3.68
N ALA A 664 -12.63 -17.31 4.59
CA ALA A 664 -11.43 -17.48 5.38
C ALA A 664 -11.56 -18.71 6.27
N MET A 665 -10.51 -19.50 6.32
CA MET A 665 -10.44 -20.66 7.19
C MET A 665 -9.40 -20.41 8.29
N GLN A 666 -9.57 -21.11 9.41
CA GLN A 666 -8.70 -20.89 10.55
C GLN A 666 -7.29 -21.36 10.23
N ALA A 667 -6.32 -20.50 10.56
CA ALA A 667 -4.94 -20.75 10.16
C ALA A 667 -4.36 -21.94 10.90
N THR A 668 -3.50 -22.68 10.21
CA THR A 668 -2.75 -23.76 10.84
C THR A 668 -1.53 -23.14 11.50
N THR A 669 -1.53 -23.11 12.83
CA THR A 669 -0.46 -22.51 13.60
C THR A 669 0.17 -23.56 14.50
N THR A 670 1.24 -23.17 15.16
CA THR A 670 1.79 -23.96 16.25
C THR A 670 1.29 -23.38 17.57
N ARG A 671 1.51 -24.14 18.64
CA ARG A 671 0.97 -23.73 19.92
C ARG A 671 1.71 -22.56 20.56
N LEU A 672 2.99 -22.35 20.24
CA LEU A 672 3.69 -21.17 20.73
C LEU A 672 3.08 -19.89 20.17
N VAL A 673 2.87 -19.86 18.85
CA VAL A 673 2.29 -18.69 18.21
C VAL A 673 0.84 -18.50 18.67
N ASN A 674 0.12 -19.61 18.84
CA ASN A 674 -1.25 -19.54 19.34
C ASN A 674 -1.29 -18.90 20.73
N ARG A 675 -0.40 -19.34 21.63
CA ARG A 675 -0.34 -18.77 22.95
C ARG A 675 -0.06 -17.27 22.89
N ILE A 676 0.94 -16.87 22.10
CA ILE A 676 1.32 -15.47 22.05
C ILE A 676 0.19 -14.60 21.53
N TRP A 677 -0.48 -15.03 20.45
CA TRP A 677 -1.52 -14.19 19.89
C TRP A 677 -2.86 -14.31 20.61
N GLY A 678 -3.08 -15.38 21.37
CA GLY A 678 -4.35 -15.57 22.04
C GLY A 678 -4.40 -14.98 23.42
N GLU A 679 -3.27 -14.98 24.13
CA GLU A 679 -3.24 -14.32 25.43
C GLU A 679 -3.47 -12.83 25.30
N PHE A 680 -2.89 -12.21 24.28
CA PHE A 680 -3.10 -10.78 24.04
C PHE A 680 -4.55 -10.47 23.74
N TYR A 681 -5.21 -11.26 22.90
CA TYR A 681 -6.57 -10.94 22.54
C TYR A 681 -7.59 -11.47 23.53
N SER A 682 -7.16 -12.22 24.54
CA SER A 682 -8.01 -12.49 25.70
C SER A 682 -7.80 -11.52 26.85
N ASN A 683 -6.67 -10.80 26.89
CA ASN A 683 -6.49 -9.72 27.87
C ASN A 683 -6.94 -8.37 27.33
N TYR A 684 -6.27 -7.89 26.28
CA TYR A 684 -6.52 -6.62 25.61
C TYR A 684 -7.69 -6.80 24.67
N SER A 685 -7.78 -5.93 23.65
CA SER A 685 -8.97 -5.75 22.84
C SER A 685 -9.65 -7.08 22.53
N PRO A 686 -10.82 -7.34 23.13
CA PRO A 686 -11.57 -8.59 22.99
C PRO A 686 -12.78 -8.46 22.07
N LYS A 747 20.13 6.26 55.85
CA LYS A 747 21.24 5.69 56.58
C LYS A 747 21.46 4.24 56.21
N ARG A 748 22.63 3.94 55.66
CA ARG A 748 22.95 2.56 55.31
C ARG A 748 24.45 2.47 55.01
N GLU A 749 25.11 1.49 55.62
CA GLU A 749 26.55 1.36 55.48
C GLU A 749 26.91 0.79 54.11
N ILE A 750 28.09 1.16 53.63
CA ILE A 750 28.56 0.76 52.32
C ILE A 750 30.04 0.45 52.42
N LYS A 751 30.45 -0.67 51.84
CA LYS A 751 31.85 -1.05 51.89
C LYS A 751 32.20 -1.81 50.62
N TRP A 752 33.44 -1.62 50.18
CA TRP A 752 33.99 -2.42 49.09
C TRP A 752 34.33 -3.80 49.64
N ASP A 753 34.01 -4.83 48.87
CA ASP A 753 34.18 -6.20 49.31
C ASP A 753 35.30 -6.85 48.50
N GLY A 754 36.50 -6.80 49.04
CA GLY A 754 37.61 -7.51 48.46
C GLY A 754 38.73 -6.57 48.10
N GLU A 755 39.74 -7.14 47.45
CA GLU A 755 40.93 -6.41 47.08
C GLU A 755 40.68 -5.56 45.84
N SER A 756 41.71 -4.83 45.44
CA SER A 756 41.65 -3.98 44.27
C SER A 756 41.89 -4.81 43.02
N LEU A 757 41.28 -4.39 41.92
CA LEU A 757 41.43 -5.08 40.65
C LEU A 757 42.45 -4.42 39.73
N GLY A 758 42.53 -3.10 39.73
CA GLY A 758 43.41 -2.41 38.82
C GLY A 758 43.22 -0.92 38.95
N LYS A 759 43.54 -0.19 37.88
CA LYS A 759 43.42 1.26 37.89
C LYS A 759 42.82 1.75 36.59
N THR A 760 41.93 2.74 36.69
CA THR A 760 41.38 3.42 35.54
C THR A 760 42.46 4.30 34.92
N SER A 761 42.21 4.82 33.72
CA SER A 761 43.21 5.67 33.10
C SER A 761 43.16 7.07 33.67
N ALA A 762 43.11 7.16 34.99
CA ALA A 762 43.34 8.40 35.71
C ALA A 762 44.06 8.15 37.03
N GLY A 763 44.45 6.92 37.31
CA GLY A 763 45.15 6.60 38.55
C GLY A 763 44.27 6.23 39.72
N GLU A 764 43.02 5.88 39.49
CA GLU A 764 42.01 5.64 40.51
C GLU A 764 41.60 4.17 40.56
N PRO A 765 41.43 3.63 41.77
CA PRO A 765 41.23 2.18 41.91
C PRO A 765 39.93 1.71 41.28
N LEU A 766 39.91 0.44 40.91
CA LEU A 766 38.80 -0.14 40.16
C LEU A 766 38.34 -1.41 40.86
N TYR A 767 37.05 -1.49 41.17
CA TYR A 767 36.51 -2.57 41.98
C TYR A 767 35.41 -3.31 41.24
N GLN A 768 34.96 -4.42 41.84
CA GLN A 768 33.99 -5.29 41.21
C GLN A 768 32.75 -5.54 42.06
N GLN A 769 32.91 -5.66 43.38
CA GLN A 769 31.81 -6.06 44.25
C GLN A 769 31.67 -5.09 45.43
N ALA A 770 30.47 -4.56 45.62
CA ALA A 770 30.19 -3.62 46.69
C ALA A 770 28.90 -4.00 47.40
N LEU A 771 28.83 -3.67 48.69
CA LEU A 771 27.67 -3.93 49.52
C LEU A 771 26.95 -2.61 49.78
N VAL A 772 25.70 -2.51 49.35
CA VAL A 772 24.86 -1.37 49.67
C VAL A 772 23.94 -1.84 50.79
N GLY A 773 24.41 -1.69 52.04
CA GLY A 773 23.65 -2.05 53.21
C GLY A 773 23.01 -3.42 53.21
N GLY A 774 23.80 -4.48 53.19
CA GLY A 774 23.24 -5.81 53.23
C GLY A 774 23.10 -6.48 51.88
N GLU A 775 22.69 -5.73 50.86
CA GLU A 775 22.60 -6.25 49.51
C GLU A 775 23.98 -6.23 48.83
N MET A 776 24.12 -7.03 47.78
CA MET A 776 25.38 -7.18 47.07
C MET A 776 25.23 -6.65 45.65
N VAL A 777 26.18 -5.82 45.24
CA VAL A 777 26.19 -5.21 43.91
C VAL A 777 27.44 -5.68 43.18
N ALA A 778 27.26 -6.23 41.98
CA ALA A 778 28.37 -6.81 41.24
C ALA A 778 28.34 -6.35 39.79
N VAL A 779 29.48 -6.47 39.15
CA VAL A 779 29.65 -6.04 37.77
C VAL A 779 28.96 -7.08 36.89
N GLY A 780 27.95 -6.65 36.14
CA GLY A 780 27.16 -7.57 35.37
C GLY A 780 25.74 -7.66 35.90
N GLY A 781 25.54 -7.12 37.10
CA GLY A 781 24.22 -7.07 37.71
C GLY A 781 23.43 -5.86 37.29
N ALA A 782 22.41 -5.55 38.08
CA ALA A 782 21.56 -4.41 37.79
C ALA A 782 21.12 -3.75 39.08
N VAL A 783 21.00 -2.42 39.05
CA VAL A 783 20.56 -1.64 40.20
C VAL A 783 19.41 -0.73 39.78
N THR A 784 18.59 -0.36 40.75
CA THR A 784 17.44 0.51 40.51
C THR A 784 17.65 1.86 41.19
N LEU A 785 17.47 2.93 40.42
CA LEU A 785 17.60 4.30 40.89
C LEU A 785 16.23 4.96 40.96
N GLU A 786 16.05 5.80 41.96
CA GLU A 786 14.75 6.40 42.24
C GLU A 786 14.53 7.63 41.38
N VAL A 787 13.55 7.57 40.49
CA VAL A 787 13.29 8.66 39.56
C VAL A 787 12.68 9.84 40.30
N ASP A 788 12.75 11.02 39.67
CA ASP A 788 12.33 12.27 40.30
C ASP A 788 10.91 12.20 40.82
N ASP A 789 9.95 11.99 39.94
CA ASP A 789 8.55 11.94 40.37
C ASP A 789 8.26 10.61 41.06
N PRO A 790 7.78 10.62 42.31
CA PRO A 790 7.59 9.36 43.04
C PRO A 790 6.32 8.62 42.65
N ASP A 791 6.05 8.51 41.36
CA ASP A 791 4.91 7.73 40.86
C ASP A 791 5.30 6.70 39.83
N GLU A 792 6.24 7.03 38.94
CA GLU A 792 6.65 6.08 37.91
C GLU A 792 7.53 4.99 38.52
N MET A 793 7.78 3.96 37.72
CA MET A 793 8.61 2.87 38.19
C MET A 793 10.08 3.26 38.10
N PRO A 794 10.93 2.71 38.97
CA PRO A 794 12.36 3.06 38.95
C PRO A 794 13.02 2.58 37.68
N ALA A 795 14.25 3.07 37.47
CA ALA A 795 15.06 2.73 36.32
C ALA A 795 16.17 1.76 36.72
N ILE A 796 16.56 0.91 35.79
CA ILE A 796 17.45 -0.22 36.04
C ILE A 796 18.72 -0.04 35.21
N TYR A 797 19.87 -0.19 35.86
CA TYR A 797 21.15 0.11 35.22
C TYR A 797 22.09 -1.09 35.31
N PHE A 798 22.75 -1.38 34.18
CA PHE A 798 23.69 -2.48 34.07
C PHE A 798 25.08 -2.00 34.50
N VAL A 799 25.67 -2.66 35.48
CA VAL A 799 26.93 -2.21 36.06
C VAL A 799 28.08 -2.53 35.11
N GLU A 800 28.85 -1.51 34.76
CA GLU A 800 30.00 -1.65 33.87
C GLU A 800 31.31 -1.60 34.63
N TYR A 801 31.55 -0.54 35.39
CA TYR A 801 32.71 -0.49 36.27
C TYR A 801 32.39 0.40 37.47
N MET A 802 33.12 0.18 38.55
CA MET A 802 32.99 0.97 39.76
C MET A 802 34.38 1.38 40.23
N PHE A 803 34.51 2.61 40.72
CA PHE A 803 35.81 3.13 41.11
C PHE A 803 35.66 4.08 42.29
N GLU A 804 36.80 4.56 42.79
CA GLU A 804 36.85 5.54 43.86
C GLU A 804 37.46 6.82 43.29
N SER A 805 36.67 7.90 43.30
CA SER A 805 37.07 9.14 42.66
C SER A 805 38.27 9.74 43.38
N THR A 806 38.74 10.87 42.84
CA THR A 806 40.02 11.42 43.29
C THR A 806 39.99 11.76 44.78
N ASP A 807 39.00 12.54 45.21
CA ASP A 807 38.95 12.86 46.62
C ASP A 807 38.58 11.66 47.49
N HIS A 808 37.29 11.33 47.59
CA HIS A 808 36.78 10.06 48.12
C HIS A 808 35.30 9.92 47.77
N CYS A 809 34.93 8.98 46.92
CA CYS A 809 33.53 8.72 46.66
C CYS A 809 33.37 7.28 46.19
N LYS A 810 32.16 6.78 46.29
CA LYS A 810 31.78 5.47 45.80
C LYS A 810 30.93 5.69 44.56
N MET A 811 31.49 5.40 43.39
CA MET A 811 30.83 5.75 42.14
C MET A 811 30.79 4.57 41.19
N LEU A 812 29.72 4.50 40.41
CA LEU A 812 29.54 3.45 39.41
C LEU A 812 29.17 4.07 38.08
N HIS A 813 29.44 3.32 37.02
CA HIS A 813 29.05 3.66 35.66
C HIS A 813 28.10 2.58 35.15
N GLY A 814 26.92 3.00 34.71
CA GLY A 814 25.94 2.03 34.26
C GLY A 814 25.48 2.24 32.84
N ARG A 815 24.96 1.17 32.23
CA ARG A 815 24.32 1.23 30.93
C ARG A 815 22.82 1.05 31.12
N PHE A 816 22.03 1.78 30.33
CA PHE A 816 20.60 1.81 30.53
C PHE A 816 19.95 0.52 30.05
N LEU A 817 19.15 -0.09 30.91
CA LEU A 817 18.32 -1.24 30.58
C LEU A 817 16.88 -0.77 30.51
N GLN A 818 16.24 -0.94 29.37
CA GLN A 818 14.90 -0.40 29.16
C GLN A 818 13.85 -1.48 29.27
N ARG A 819 12.65 -1.07 29.68
CA ARG A 819 11.51 -1.95 29.77
C ARG A 819 10.85 -2.07 28.40
N GLY A 820 10.41 -3.28 28.08
CA GLY A 820 9.73 -3.53 26.82
C GLY A 820 8.39 -2.84 26.68
N SER A 821 7.88 -2.27 27.77
CA SER A 821 6.62 -1.54 27.72
C SER A 821 6.74 -0.20 27.00
N MET A 822 7.95 0.35 26.93
CA MET A 822 8.17 1.70 26.43
C MET A 822 8.93 1.71 25.09
N THR A 823 9.09 0.56 24.47
CA THR A 823 9.70 0.46 23.16
C THR A 823 8.61 0.35 22.11
N VAL A 824 9.01 0.04 20.88
CA VAL A 824 8.03 -0.17 19.82
C VAL A 824 7.14 -1.37 20.13
N LEU A 825 7.55 -2.24 21.05
CA LEU A 825 6.74 -3.39 21.44
C LEU A 825 5.51 -2.97 22.23
N GLY A 826 5.68 -2.14 23.24
CA GLY A 826 4.56 -1.61 23.99
C GLY A 826 3.80 -2.59 24.85
N ASN A 827 2.55 -2.85 24.49
CA ASN A 827 1.69 -3.73 25.27
C ASN A 827 1.86 -5.20 24.93
N ALA A 828 2.65 -5.53 23.92
CA ALA A 828 2.87 -6.90 23.52
C ALA A 828 4.12 -7.50 24.18
N ALA A 829 4.81 -6.75 25.02
CA ALA A 829 6.07 -7.21 25.59
C ALA A 829 5.85 -7.89 26.94
N ASN A 830 6.75 -8.82 27.24
CA ASN A 830 6.70 -9.50 28.53
C ASN A 830 7.01 -8.52 29.65
N GLU A 831 6.38 -8.75 30.79
CA GLU A 831 6.59 -7.94 31.98
C GLU A 831 8.00 -8.09 32.54
N ARG A 832 8.76 -9.09 32.10
CA ARG A 832 10.06 -9.40 32.69
C ARG A 832 11.23 -9.21 31.72
N GLU A 833 10.99 -8.68 30.52
CA GLU A 833 12.01 -8.56 29.50
C GLU A 833 12.56 -7.14 29.48
N LEU A 834 13.87 -7.02 29.67
CA LEU A 834 14.58 -5.75 29.60
C LEU A 834 15.53 -5.75 28.41
N PHE A 835 15.71 -4.58 27.82
CA PHE A 835 16.56 -4.42 26.65
C PHE A 835 17.68 -3.43 26.92
N LEU A 836 18.82 -3.66 26.29
CA LEU A 836 20.03 -2.86 26.52
C LEU A 836 20.14 -1.76 25.47
N THR A 837 20.50 -0.56 25.92
CA THR A 837 20.57 0.61 25.05
C THR A 837 21.98 1.20 25.08
N ASN A 838 22.15 2.27 24.31
CA ASN A 838 23.44 2.93 24.13
C ASN A 838 23.74 3.96 25.21
N GLU A 839 22.78 4.25 26.08
CA GLU A 839 22.90 5.37 27.00
C GLU A 839 23.62 4.96 28.28
N CYS A 840 24.45 5.87 28.77
CA CYS A 840 25.26 5.66 29.97
C CYS A 840 24.86 6.65 31.05
N MET A 841 25.51 6.54 32.19
CA MET A 841 25.15 7.24 33.40
C MET A 841 26.26 7.04 34.43
N THR A 842 26.56 8.08 35.19
CA THR A 842 27.47 7.98 36.31
C THR A 842 26.78 8.58 37.53
N THR A 843 26.68 7.80 38.60
CA THR A 843 26.05 8.24 39.84
C THR A 843 26.89 7.75 41.00
N GLN A 844 26.59 8.25 42.20
CA GLN A 844 27.23 7.74 43.40
C GLN A 844 26.50 6.51 43.92
N LEU A 845 27.24 5.70 44.65
CA LEU A 845 26.76 4.43 45.16
C LEU A 845 25.91 4.62 46.43
N LYS A 846 25.47 5.84 46.68
CA LYS A 846 24.49 6.15 47.71
C LYS A 846 23.11 6.47 47.17
N ASP A 847 22.96 6.56 45.85
CA ASP A 847 21.73 7.01 45.21
C ASP A 847 20.87 5.83 44.75
N ILE A 848 21.36 4.60 44.94
CA ILE A 848 20.58 3.43 44.55
C ILE A 848 19.34 3.31 45.42
N LYS A 849 18.26 2.80 44.83
CA LYS A 849 17.14 2.32 45.63
C LYS A 849 17.34 0.87 46.06
N GLY A 850 17.84 0.02 45.18
CA GLY A 850 18.09 -1.36 45.54
C GLY A 850 18.63 -2.14 44.38
N VAL A 851 19.04 -3.37 44.68
CA VAL A 851 19.62 -4.27 43.70
C VAL A 851 18.52 -5.12 43.08
N ALA A 852 18.45 -5.13 41.76
CA ALA A 852 17.48 -5.94 41.04
C ALA A 852 18.04 -7.33 40.77
N SER A 853 17.14 -8.26 40.50
CA SER A 853 17.52 -9.62 40.15
C SER A 853 17.50 -9.74 38.63
N PHE A 854 18.62 -10.16 38.05
CA PHE A 854 18.85 -10.00 36.62
C PHE A 854 19.80 -11.08 36.13
N GLU A 855 19.51 -11.63 34.95
CA GLU A 855 20.35 -12.62 34.28
C GLU A 855 20.34 -12.36 32.78
N ILE A 856 21.39 -12.82 32.11
CA ILE A 856 21.51 -12.74 30.65
C ILE A 856 21.22 -14.11 30.06
N ARG A 857 20.29 -14.16 29.11
CA ARG A 857 19.75 -15.42 28.61
C ARG A 857 20.39 -15.78 27.28
N SER A 858 21.33 -16.73 27.32
CA SER A 858 21.99 -17.23 26.11
C SER A 858 21.58 -18.68 25.93
N ARG A 859 20.90 -18.96 24.83
CA ARG A 859 20.22 -20.22 24.57
C ARG A 859 20.66 -20.78 23.21
N PRO A 860 20.70 -22.10 23.06
CA PRO A 860 21.17 -22.68 21.79
C PRO A 860 20.15 -22.55 20.67
N TRP A 861 20.65 -22.71 19.44
CA TRP A 861 19.89 -22.47 18.22
C TRP A 861 19.69 -23.73 17.40
N GLY A 862 18.51 -23.85 16.81
CA GLY A 862 18.21 -24.92 15.86
C GLY A 862 16.84 -25.51 16.07
N HIS A 863 16.33 -26.16 15.02
CA HIS A 863 15.07 -26.89 15.12
C HIS A 863 15.19 -28.06 16.08
N GLN A 864 16.38 -28.65 16.18
CA GLN A 864 16.66 -29.75 17.07
C GLN A 864 16.54 -29.40 18.55
N TYR A 865 16.55 -28.12 18.90
CA TYR A 865 16.45 -27.70 20.29
C TYR A 865 15.10 -27.08 20.66
N ARG A 866 14.13 -27.03 19.75
CA ARG A 866 12.95 -26.21 19.98
C ARG A 866 11.93 -26.87 20.91
N LYS A 867 12.15 -28.14 21.30
CA LYS A 867 11.24 -28.76 22.24
C LYS A 867 11.72 -28.58 23.69
N LYS A 868 13.01 -28.77 23.92
CA LYS A 868 13.59 -28.52 25.23
C LYS A 868 13.37 -27.07 25.65
N ASN A 869 13.46 -26.16 24.69
CA ASN A 869 13.19 -24.74 24.96
C ASN A 869 11.76 -24.54 25.44
N ILE A 870 10.79 -25.19 24.81
CA ILE A 870 9.39 -25.02 25.18
C ILE A 870 9.14 -25.51 26.60
N THR A 871 9.70 -26.66 26.96
CA THR A 871 9.51 -27.14 28.33
C THR A 871 10.14 -26.18 29.35
N ALA A 872 11.35 -25.68 29.07
CA ALA A 872 11.97 -24.75 30.01
C ALA A 872 11.18 -23.44 30.13
N ASP A 873 10.64 -22.95 29.01
CA ASP A 873 9.82 -21.74 29.05
C ASP A 873 8.59 -21.93 29.92
N LYS A 874 7.94 -23.09 29.82
CA LYS A 874 6.76 -23.32 30.64
C LYS A 874 7.11 -23.40 32.12
N LEU A 875 8.25 -24.01 32.45
CA LEU A 875 8.68 -24.02 33.86
C LEU A 875 8.87 -22.60 34.40
N ASP A 876 9.52 -21.74 33.62
CA ASP A 876 9.72 -20.36 34.10
C ASP A 876 8.41 -19.60 34.24
N TRP A 877 7.47 -19.80 33.31
CA TRP A 877 6.19 -19.11 33.41
C TRP A 877 5.43 -19.52 34.67
N ALA A 878 5.47 -20.81 35.02
CA ALA A 878 4.84 -21.26 36.25
C ALA A 878 5.50 -20.64 37.48
N ARG A 879 6.83 -20.57 37.50
CA ARG A 879 7.51 -19.95 38.63
C ARG A 879 7.13 -18.47 38.77
N ALA A 880 7.01 -17.77 37.64
CA ALA A 880 6.61 -16.36 37.67
C ALA A 880 5.21 -16.18 38.25
N LEU A 881 4.25 -17.02 37.86
CA LEU A 881 2.92 -16.89 38.45
C LEU A 881 2.95 -17.15 39.95
N GLU A 882 3.73 -18.15 40.39
CA GLU A 882 3.82 -18.41 41.82
C GLU A 882 4.37 -17.22 42.58
N ARG A 883 5.42 -16.59 42.06
CA ARG A 883 5.97 -15.43 42.76
C ARG A 883 5.01 -14.25 42.74
N LYS A 884 4.22 -14.10 41.67
CA LYS A 884 3.26 -13.01 41.63
C LYS A 884 2.14 -13.18 42.65
N VAL A 885 1.67 -14.42 42.87
CA VAL A 885 0.57 -14.60 43.80
C VAL A 885 1.03 -14.48 45.26
N LYS A 886 2.21 -14.99 45.59
CA LYS A 886 2.77 -14.76 46.90
C LYS A 886 3.28 -13.33 47.06
N ASP A 887 3.41 -12.59 45.97
CA ASP A 887 3.85 -11.19 45.93
C ASP A 887 5.25 -11.05 46.52
N LEU A 888 6.20 -11.61 45.79
CA LEU A 888 7.63 -11.48 45.98
C LEU A 888 8.22 -10.62 44.85
N PRO A 889 9.50 -10.29 44.91
CA PRO A 889 10.09 -9.44 43.86
C PRO A 889 10.04 -10.08 42.49
N THR A 890 10.40 -9.27 41.50
CA THR A 890 10.43 -9.69 40.10
C THR A 890 11.85 -10.09 39.71
N GLU A 891 11.95 -11.09 38.84
CA GLU A 891 13.21 -11.51 38.25
C GLU A 891 13.21 -11.12 36.78
N TYR A 892 14.28 -10.48 36.33
CA TYR A 892 14.36 -9.92 34.99
C TYR A 892 15.39 -10.68 34.16
N TYR A 893 15.24 -10.57 32.84
CA TYR A 893 16.19 -11.18 31.92
C TYR A 893 16.37 -10.28 30.69
N CYS A 894 17.53 -10.42 30.05
CA CYS A 894 17.87 -9.66 28.85
C CYS A 894 18.45 -10.61 27.81
N LYS A 895 18.06 -10.42 26.55
CA LYS A 895 18.59 -11.26 25.50
C LYS A 895 19.06 -10.46 24.28
N SER A 896 18.47 -9.29 24.05
CA SER A 896 18.76 -8.52 22.85
C SER A 896 19.27 -7.12 23.21
N LEU A 897 19.41 -6.30 22.17
CA LEU A 897 19.85 -4.93 22.28
C LEU A 897 18.91 -4.07 21.46
N TYR A 898 18.47 -2.95 22.03
CA TYR A 898 17.53 -2.06 21.36
C TYR A 898 18.30 -0.89 20.77
N SER A 899 18.15 -0.68 19.46
CA SER A 899 18.84 0.38 18.74
C SER A 899 17.81 1.19 17.96
N PRO A 900 17.18 2.17 18.60
CA PRO A 900 16.15 2.95 17.90
C PRO A 900 16.67 3.78 16.74
N GLU A 901 17.97 4.07 16.69
CA GLU A 901 18.57 4.78 15.58
C GLU A 901 18.99 3.88 14.43
N ARG A 902 18.96 2.56 14.63
CA ARG A 902 19.13 1.59 13.56
C ARG A 902 17.86 0.80 13.30
N GLY A 903 16.82 0.99 14.11
CA GLY A 903 15.54 0.36 13.88
C GLY A 903 15.54 -1.14 13.98
N GLY A 904 16.08 -1.70 15.06
CA GLY A 904 16.05 -3.14 15.19
C GLY A 904 16.45 -3.60 16.56
N PHE A 905 16.39 -4.92 16.75
CA PHE A 905 16.86 -5.60 17.95
C PHE A 905 18.03 -6.48 17.54
N PHE A 906 19.22 -6.14 18.01
CA PHE A 906 20.44 -6.81 17.61
C PHE A 906 20.98 -7.66 18.76
N SER A 907 21.94 -8.51 18.43
CA SER A 907 22.47 -9.44 19.40
C SER A 907 23.43 -8.73 20.36
N LEU A 908 23.63 -9.32 21.51
CA LEU A 908 24.45 -8.74 22.56
C LEU A 908 25.93 -8.93 22.25
N PRO A 909 26.73 -7.87 22.24
CA PRO A 909 28.19 -8.05 22.13
C PRO A 909 28.80 -8.57 23.40
N LEU A 910 28.73 -9.88 23.62
CA LEU A 910 28.93 -10.46 24.94
C LEU A 910 30.35 -10.27 25.48
N SER A 911 31.33 -10.06 24.63
CA SER A 911 32.68 -9.80 25.12
C SER A 911 32.94 -8.32 25.40
N ASP A 912 32.05 -7.44 24.96
CA ASP A 912 32.21 -6.02 25.18
C ASP A 912 31.57 -5.53 26.48
N ILE A 913 30.58 -6.23 26.98
CA ILE A 913 29.80 -5.75 28.12
C ILE A 913 30.39 -6.29 29.41
N GLY A 914 30.28 -5.50 30.47
CA GLY A 914 30.68 -5.91 31.79
C GLY A 914 32.16 -6.19 31.96
N ARG A 915 33.00 -5.27 31.46
CA ARG A 915 34.45 -5.53 31.46
C ARG A 915 35.11 -5.24 32.80
N SER A 916 34.60 -4.28 33.56
CA SER A 916 35.24 -3.87 34.81
C SER A 916 36.66 -3.37 34.60
N SER A 917 36.91 -2.68 33.49
CA SER A 917 38.24 -2.18 33.17
C SER A 917 38.26 -0.69 32.90
N GLY A 918 37.28 0.05 33.44
CA GLY A 918 37.26 1.49 33.26
C GLY A 918 37.05 1.95 31.84
N PHE A 919 36.50 1.10 30.98
CA PHE A 919 36.49 1.35 29.55
C PHE A 919 35.16 0.89 28.97
N CYS A 920 34.39 1.83 28.44
CA CYS A 920 33.02 1.57 27.99
C CYS A 920 32.95 1.77 26.49
N THR A 921 32.27 0.85 25.81
CA THR A 921 32.21 0.90 24.35
C THR A 921 31.32 2.03 23.84
N SER A 922 30.15 2.21 24.48
CA SER A 922 29.24 3.27 24.07
C SER A 922 29.86 4.64 24.25
N CYS A 923 30.71 4.81 25.25
CA CYS A 923 31.41 6.07 25.44
C CYS A 923 32.35 6.35 24.28
N LYS A 924 33.07 5.32 23.80
CA LYS A 924 33.88 5.47 22.60
C LYS A 924 33.02 5.89 21.42
N ILE A 925 31.88 5.24 21.26
CA ILE A 925 31.03 5.49 20.09
C ILE A 925 30.52 6.94 20.10
N ARG A 926 30.09 7.43 21.26
CA ARG A 926 29.64 8.82 21.35
C ARG A 926 30.79 9.81 21.13
N GLU A 927 31.96 9.52 21.70
CA GLU A 927 33.10 10.40 21.49
C GLU A 927 33.49 10.48 20.02
N ASP A 928 33.47 9.33 19.34
CA ASP A 928 33.76 9.31 17.91
C ASP A 928 32.71 10.08 17.13
N GLU A 929 31.44 9.94 17.49
CA GLU A 929 30.39 10.63 16.75
C GLU A 929 30.43 12.13 16.95
N GLU A 930 30.97 12.61 18.05
CA GLU A 930 31.16 14.06 18.17
C GLU A 930 32.49 14.54 17.59
N LYS A 931 33.50 13.66 17.49
CA LYS A 931 34.71 14.03 16.77
C LYS A 931 34.46 14.08 15.26
N ARG A 932 33.47 13.35 14.78
CA ARG A 932 33.18 13.30 13.36
C ARG A 932 32.60 14.59 12.80
N SER A 933 32.06 15.47 13.63
CA SER A 933 31.31 16.62 13.15
C SER A 933 32.10 17.92 13.22
N THR A 934 33.39 17.88 12.91
CA THR A 934 34.22 19.07 12.85
C THR A 934 34.94 19.12 11.50
N ILE A 935 35.06 20.31 10.92
CA ILE A 935 35.80 20.43 9.67
C ILE A 935 37.28 20.41 9.98
N LYS A 936 38.00 19.45 9.41
CA LYS A 936 39.42 19.31 9.73
C LYS A 936 40.33 19.36 8.52
N LEU A 937 40.82 20.56 8.18
CA LEU A 937 41.74 20.69 7.07
C LEU A 937 42.99 19.91 7.41
N ASN A 938 43.25 18.82 6.69
CA ASN A 938 44.39 17.97 7.02
C ASN A 938 45.70 18.76 7.02
N VAL A 939 46.61 18.41 7.91
CA VAL A 939 47.91 19.09 7.99
C VAL A 939 47.77 20.60 7.80
N SER A 940 48.79 21.23 7.21
CA SER A 940 48.72 22.66 6.95
C SER A 940 47.69 22.96 5.87
N LYS A 941 47.75 22.22 4.76
CA LYS A 941 46.82 22.45 3.66
C LYS A 941 46.59 21.18 2.86
N THR A 942 46.28 21.33 1.58
CA THR A 942 46.09 20.16 0.70
C THR A 942 45.11 19.12 1.25
N GLY A 943 43.86 19.50 1.47
CA GLY A 943 42.87 18.53 1.91
C GLY A 943 42.19 18.85 3.22
N PHE A 944 41.15 18.09 3.55
CA PHE A 944 40.43 18.31 4.81
C PHE A 944 39.55 17.13 5.20
N PHE A 945 38.71 17.31 6.22
CA PHE A 945 37.85 16.26 6.70
C PHE A 945 36.46 16.83 6.95
N ILE A 946 35.44 16.22 6.36
CA ILE A 946 34.07 16.59 6.64
C ILE A 946 33.21 15.33 6.62
N ASN A 947 32.52 15.06 7.73
CA ASN A 947 31.68 13.88 7.90
C ASN A 947 32.44 12.58 7.68
N GLY A 948 33.74 12.56 7.94
CA GLY A 948 34.52 11.35 7.79
C GLY A 948 35.00 11.05 6.39
N ILE A 949 34.86 11.98 5.45
CA ILE A 949 35.36 11.81 4.09
C ILE A 949 36.51 12.79 3.91
N GLU A 950 37.66 12.28 3.48
CA GLU A 950 38.84 13.12 3.28
C GLU A 950 38.85 13.63 1.83
N TYR A 951 38.72 14.93 1.66
CA TYR A 951 38.77 15.54 0.35
C TYR A 951 40.16 16.13 0.12
N SER A 952 40.77 15.76 -0.99
CA SER A 952 42.08 16.25 -1.36
C SER A 952 41.97 17.03 -2.67
N VAL A 953 43.10 17.54 -3.13
CA VAL A 953 43.14 18.27 -4.40
C VAL A 953 43.22 17.28 -5.54
N GLU A 954 42.51 17.60 -6.63
CA GLU A 954 42.35 16.80 -7.84
C GLU A 954 41.37 15.65 -7.69
N ASP A 955 40.50 15.70 -6.69
CA ASP A 955 39.43 14.73 -6.51
C ASP A 955 38.17 15.19 -7.23
N PHE A 956 37.30 14.23 -7.52
CA PHE A 956 36.01 14.51 -8.14
C PHE A 956 34.92 14.37 -7.08
N VAL A 957 34.05 15.38 -6.99
CA VAL A 957 33.13 15.50 -5.86
C VAL A 957 31.71 15.66 -6.36
N TYR A 958 30.76 15.44 -5.44
CA TYR A 958 29.34 15.64 -5.67
C TYR A 958 28.92 16.94 -4.98
N VAL A 959 28.29 17.83 -5.73
CA VAL A 959 27.87 19.13 -5.22
C VAL A 959 26.36 19.25 -5.39
N ASN A 960 25.72 19.85 -4.41
CA ASN A 960 24.27 19.91 -4.34
C ASN A 960 23.76 20.87 -5.42
N PRO A 961 22.74 20.50 -6.20
CA PRO A 961 22.37 21.33 -7.37
C PRO A 961 22.05 22.78 -7.05
N ASP A 962 21.42 23.08 -5.91
CA ASP A 962 21.05 24.46 -5.60
C ASP A 962 22.19 25.25 -4.97
N SER A 963 23.27 24.61 -4.54
CA SER A 963 24.41 25.32 -3.98
C SER A 963 25.29 25.96 -5.04
N ILE A 964 25.03 25.71 -6.31
CA ILE A 964 25.88 26.21 -7.38
C ILE A 964 25.17 27.28 -8.21
N GLY A 965 23.85 27.33 -8.20
CA GLY A 965 23.12 28.32 -8.96
C GLY A 965 22.66 29.50 -8.12
N LYS A 976 -0.69 13.65 -10.85
CA LYS A 976 -0.20 14.41 -11.99
C LYS A 976 0.81 13.61 -12.78
N SER A 977 1.47 12.66 -12.10
CA SER A 977 2.52 11.81 -12.65
C SER A 977 3.80 12.61 -12.89
N GLY A 978 3.73 13.92 -12.72
CA GLY A 978 4.92 14.74 -12.79
C GLY A 978 5.37 15.17 -11.41
N ARG A 979 6.38 14.49 -10.89
CA ARG A 979 6.95 14.83 -9.60
C ARG A 979 8.47 14.85 -9.59
N ASN A 980 9.12 14.27 -10.60
CA ASN A 980 10.56 14.36 -10.77
C ASN A 980 10.94 15.40 -11.82
N ILE A 981 9.97 16.07 -12.41
CA ILE A 981 10.23 17.09 -13.43
C ILE A 981 10.68 18.35 -12.71
N GLY A 982 11.84 18.87 -13.12
CA GLY A 982 12.50 19.93 -12.39
C GLY A 982 13.45 19.45 -11.31
N LEU A 983 13.53 18.15 -11.09
CA LEU A 983 14.44 17.56 -10.12
C LEU A 983 15.75 17.19 -10.82
N ARG A 984 16.87 17.63 -10.25
CA ARG A 984 18.17 17.48 -10.86
C ARG A 984 19.09 16.66 -9.97
N ALA A 985 20.09 16.07 -10.61
CA ALA A 985 21.07 15.23 -9.94
C ALA A 985 22.29 16.06 -9.54
N TYR A 986 23.22 15.40 -8.85
CA TYR A 986 24.41 16.06 -8.34
C TYR A 986 25.16 16.79 -9.44
N VAL A 987 25.96 17.77 -9.05
CA VAL A 987 26.91 18.41 -9.95
C VAL A 987 28.28 17.82 -9.68
N VAL A 988 28.92 17.30 -10.72
CA VAL A 988 30.20 16.63 -10.59
C VAL A 988 31.31 17.62 -10.89
N CYS A 989 32.14 17.90 -9.90
CA CYS A 989 33.13 18.96 -9.97
C CYS A 989 34.50 18.43 -9.55
N GLN A 990 35.54 19.13 -9.98
CA GLN A 990 36.92 18.79 -9.64
C GLN A 990 37.52 19.86 -8.74
N LEU A 991 38.15 19.44 -7.64
CA LEU A 991 38.72 20.35 -6.67
C LEU A 991 40.06 20.88 -7.15
N LEU A 992 40.22 22.20 -7.13
CA LEU A 992 41.43 22.84 -7.64
C LEU A 992 42.37 23.37 -6.55
N GLU A 993 41.88 24.16 -5.61
CA GLU A 993 42.75 24.67 -4.56
C GLU A 993 41.91 25.03 -3.34
N ILE A 994 42.58 25.57 -2.32
CA ILE A 994 41.96 25.99 -1.07
C ILE A 994 42.21 27.48 -0.89
N VAL A 995 41.14 28.25 -0.68
CA VAL A 995 41.26 29.70 -0.65
C VAL A 995 41.06 30.20 0.79
N PRO A 996 41.78 31.26 1.20
CA PRO A 996 41.85 31.60 2.62
C PRO A 996 40.51 31.92 3.27
N LYS A 997 39.84 32.95 2.76
CA LYS A 997 38.61 33.50 3.34
C LYS A 997 38.55 33.42 4.86
N GLY A 1005 40.87 28.15 11.28
CA GLY A 1005 40.68 28.82 10.01
C GLY A 1005 39.53 28.23 9.21
N SER A 1006 38.70 29.10 8.66
CA SER A 1006 37.59 28.69 7.81
C SER A 1006 37.93 28.99 6.37
N PHE A 1007 37.74 28.00 5.50
CA PHE A 1007 38.19 28.10 4.13
C PHE A 1007 37.02 27.95 3.16
N ASP A 1008 37.25 28.37 1.93
CA ASP A 1008 36.41 28.03 0.79
C ASP A 1008 37.24 27.25 -0.22
N VAL A 1009 36.56 26.59 -1.15
CA VAL A 1009 37.21 25.69 -2.09
C VAL A 1009 36.90 26.14 -3.51
N LYS A 1010 37.85 25.89 -4.42
CA LYS A 1010 37.73 26.27 -5.82
C LYS A 1010 37.50 25.02 -6.65
N VAL A 1011 36.39 24.98 -7.39
CA VAL A 1011 36.00 23.80 -8.16
C VAL A 1011 35.68 24.20 -9.60
N ARG A 1012 36.04 23.31 -10.53
CA ARG A 1012 35.63 23.38 -11.92
C ARG A 1012 34.60 22.28 -12.16
N ARG A 1013 33.63 22.54 -13.03
CA ARG A 1013 32.47 21.67 -13.05
C ARG A 1013 32.34 20.88 -14.35
N PHE A 1014 31.47 19.87 -14.28
CA PHE A 1014 31.11 18.99 -15.38
C PHE A 1014 29.64 19.19 -15.72
N TYR A 1015 29.33 19.20 -17.01
CA TYR A 1015 27.95 19.29 -17.47
C TYR A 1015 27.47 17.91 -17.87
N ARG A 1016 26.25 17.59 -17.52
CA ARG A 1016 25.65 16.31 -17.82
C ARG A 1016 24.81 16.40 -19.09
N PRO A 1017 24.52 15.26 -19.73
CA PRO A 1017 23.65 15.30 -20.93
C PRO A 1017 22.30 15.92 -20.66
N GLU A 1018 21.86 15.95 -19.41
CA GLU A 1018 20.60 16.56 -19.02
C GLU A 1018 20.58 18.04 -19.35
N ASP A 1019 21.74 18.69 -19.32
CA ASP A 1019 21.84 20.14 -19.36
C ASP A 1019 21.94 20.71 -20.77
N VAL A 1020 21.97 19.87 -21.80
CA VAL A 1020 21.97 20.32 -23.19
C VAL A 1020 20.58 20.29 -23.78
N SER A 1021 19.91 19.13 -23.72
CA SER A 1021 18.53 19.00 -24.15
C SER A 1021 17.97 17.70 -23.58
N ALA A 1022 16.66 17.51 -23.71
CA ALA A 1022 16.04 16.28 -23.22
C ALA A 1022 16.33 15.09 -24.14
N GLU A 1023 16.39 15.33 -25.45
CA GLU A 1023 16.64 14.25 -26.40
C GLU A 1023 18.04 13.67 -26.25
N LYS A 1024 19.04 14.51 -26.00
CA LYS A 1024 20.38 14.01 -25.80
C LYS A 1024 20.51 13.20 -24.52
N ALA A 1025 19.68 13.50 -23.52
CA ALA A 1025 19.61 12.66 -22.34
C ALA A 1025 18.93 11.34 -22.63
N TYR A 1026 17.93 11.34 -23.51
CA TYR A 1026 17.32 10.09 -23.93
C TYR A 1026 18.34 9.19 -24.62
N ALA A 1027 19.15 9.76 -25.50
CA ALA A 1027 20.08 8.94 -26.27
C ALA A 1027 21.27 8.42 -25.45
N SER A 1028 21.75 9.18 -24.47
CA SER A 1028 23.08 8.93 -23.92
C SER A 1028 23.08 8.02 -22.70
N ASP A 1029 24.21 7.38 -22.48
CA ASP A 1029 24.43 6.56 -21.31
C ASP A 1029 24.30 7.42 -20.06
N ILE A 1030 23.98 6.76 -18.94
CA ILE A 1030 23.65 7.50 -17.73
C ILE A 1030 24.90 7.85 -16.92
N GLN A 1031 26.07 7.35 -17.32
CA GLN A 1031 27.33 7.61 -16.63
C GLN A 1031 28.28 8.49 -17.45
N GLU A 1032 27.75 9.40 -18.26
CA GLU A 1032 28.56 10.22 -19.16
C GLU A 1032 28.54 11.69 -18.74
N LEU A 1033 29.69 12.36 -18.85
CA LEU A 1033 29.85 13.74 -18.44
C LEU A 1033 30.52 14.56 -19.55
N TYR A 1034 30.20 15.84 -19.60
CA TYR A 1034 30.75 16.78 -20.59
C TYR A 1034 31.74 17.73 -19.92
N PHE A 1035 32.92 17.85 -20.50
CA PHE A 1035 33.98 18.73 -19.97
C PHE A 1035 33.60 20.19 -20.15
N SER A 1036 34.22 21.06 -19.35
CA SER A 1036 33.95 22.49 -19.46
C SER A 1036 35.09 23.27 -18.81
N GLN A 1037 34.95 24.60 -18.84
CA GLN A 1037 35.92 25.54 -18.29
C GLN A 1037 35.24 26.57 -17.40
N ASP A 1038 34.35 26.13 -16.52
CA ASP A 1038 33.63 27.00 -15.60
C ASP A 1038 34.07 26.74 -14.17
N THR A 1039 34.30 27.81 -13.42
CA THR A 1039 34.86 27.74 -12.08
C THR A 1039 33.95 28.43 -11.08
N VAL A 1040 33.83 27.85 -9.88
CA VAL A 1040 33.03 28.38 -8.78
C VAL A 1040 33.84 28.29 -7.50
N VAL A 1041 33.64 29.25 -6.61
CA VAL A 1041 34.23 29.25 -5.26
C VAL A 1041 33.12 28.94 -4.28
N LEU A 1042 33.31 27.89 -3.47
CA LEU A 1042 32.21 27.33 -2.68
C LEU A 1042 32.60 27.18 -1.22
N PRO A 1043 31.61 27.19 -0.32
CA PRO A 1043 31.85 26.82 1.07
C PRO A 1043 31.95 25.31 1.22
N PRO A 1044 32.69 24.82 2.22
CA PRO A 1044 32.95 23.38 2.31
C PRO A 1044 31.72 22.54 2.60
N GLY A 1045 30.63 23.14 3.05
CA GLY A 1045 29.47 22.38 3.47
C GLY A 1045 28.49 22.08 2.36
N ALA A 1046 28.84 22.39 1.12
CA ALA A 1046 28.02 22.01 -0.03
C ALA A 1046 28.44 20.69 -0.64
N LEU A 1047 29.52 20.08 -0.15
CA LEU A 1047 30.12 18.90 -0.76
C LEU A 1047 29.50 17.63 -0.20
N GLU A 1048 28.93 16.81 -1.09
CA GLU A 1048 28.12 15.65 -0.69
C GLU A 1048 28.84 14.30 -0.75
N GLY A 1049 29.88 14.17 -1.56
CA GLY A 1049 30.57 12.89 -1.63
C GLY A 1049 31.66 12.91 -2.67
N LYS A 1050 32.31 11.76 -2.82
CA LYS A 1050 33.37 11.56 -3.81
C LYS A 1050 32.99 10.50 -4.84
N CYS A 1051 33.41 10.71 -6.08
CA CYS A 1051 33.19 9.78 -7.18
C CYS A 1051 34.50 9.54 -7.94
N GLU A 1052 34.39 8.90 -9.10
CA GLU A 1052 35.52 8.65 -9.98
C GLU A 1052 35.13 8.95 -11.42
N VAL A 1053 36.07 9.50 -12.18
CA VAL A 1053 35.87 9.78 -13.61
C VAL A 1053 37.06 9.24 -14.37
N ARG A 1054 36.82 8.29 -15.27
CA ARG A 1054 37.83 7.63 -16.09
C ARG A 1054 37.59 7.97 -17.55
N LYS A 1055 38.45 7.43 -18.41
CA LYS A 1055 38.19 7.50 -19.84
C LYS A 1055 37.22 6.41 -20.25
N LYS A 1056 36.65 6.54 -21.44
CA LYS A 1056 35.63 5.59 -21.87
C LYS A 1056 36.20 4.19 -21.98
N SER A 1057 37.43 4.06 -22.47
CA SER A 1057 38.05 2.75 -22.63
C SER A 1057 38.37 2.08 -21.29
N ASP A 1058 38.48 2.85 -20.22
CA ASP A 1058 38.83 2.29 -18.91
C ASP A 1058 37.62 1.89 -18.08
N MET A 1059 36.42 2.02 -18.63
CA MET A 1059 35.24 1.68 -17.86
C MET A 1059 35.15 0.17 -17.68
N PRO A 1060 34.64 -0.29 -16.54
CA PRO A 1060 34.63 -1.74 -16.28
C PRO A 1060 33.73 -2.49 -17.25
N LEU A 1061 34.07 -3.76 -17.47
CA LEU A 1061 33.39 -4.57 -18.46
C LEU A 1061 32.07 -5.15 -17.97
N SER A 1062 31.84 -5.17 -16.67
CA SER A 1062 30.65 -5.79 -16.10
C SER A 1062 29.54 -4.76 -15.93
N ARG A 1063 28.36 -5.05 -16.49
CA ARG A 1063 27.23 -4.16 -16.41
C ARG A 1063 26.13 -4.80 -15.57
N GLU A 1064 25.72 -4.10 -14.51
CA GLU A 1064 24.62 -4.49 -13.66
C GLU A 1064 23.48 -3.49 -13.83
N TYR A 1065 22.24 -3.99 -13.82
CA TYR A 1065 21.11 -3.07 -14.00
C TYR A 1065 20.96 -2.10 -12.84
N PRO A 1066 20.95 -2.52 -11.58
CA PRO A 1066 21.19 -1.54 -10.50
C PRO A 1066 22.69 -1.26 -10.44
N ILE A 1067 23.07 -0.02 -10.71
CA ILE A 1067 24.46 0.26 -11.08
C ILE A 1067 25.39 0.11 -9.87
N SER A 1068 25.03 0.70 -8.74
CA SER A 1068 25.68 0.41 -7.46
C SER A 1068 27.10 0.93 -7.27
N ASP A 1069 27.74 1.48 -8.29
CA ASP A 1069 29.07 2.04 -8.11
C ASP A 1069 29.16 3.46 -8.66
N HIS A 1070 30.06 4.24 -8.07
CA HIS A 1070 30.17 5.68 -8.33
C HIS A 1070 31.28 5.96 -9.35
N ILE A 1071 31.02 5.59 -10.60
CA ILE A 1071 32.01 5.73 -11.67
C ILE A 1071 31.36 6.41 -12.88
N PHE A 1072 32.07 7.38 -13.44
CA PHE A 1072 31.65 8.10 -14.65
C PHE A 1072 32.79 8.11 -15.66
N PHE A 1073 32.50 8.60 -16.87
CA PHE A 1073 33.52 8.69 -17.91
C PHE A 1073 33.31 9.95 -18.73
N CYS A 1074 34.39 10.43 -19.34
CA CYS A 1074 34.35 11.65 -20.13
C CYS A 1074 35.08 11.45 -21.45
N ASP A 1075 34.49 11.97 -22.52
CA ASP A 1075 35.19 12.01 -23.79
C ASP A 1075 35.00 13.32 -24.56
N LEU A 1076 33.99 14.13 -24.27
CA LEU A 1076 33.62 15.29 -25.07
C LEU A 1076 33.87 16.61 -24.33
N PHE A 1077 33.62 17.72 -25.03
CA PHE A 1077 33.75 19.07 -24.52
C PHE A 1077 32.42 19.81 -24.70
N PHE A 1078 32.11 20.68 -23.75
CA PHE A 1078 30.90 21.51 -23.79
C PHE A 1078 31.32 22.97 -23.63
N ASP A 1079 31.22 23.74 -24.70
CA ASP A 1079 31.55 25.15 -24.63
C ASP A 1079 30.28 25.91 -24.28
N THR A 1080 30.23 26.44 -23.07
CA THR A 1080 29.01 27.06 -22.58
C THR A 1080 28.65 28.33 -23.32
N SER A 1081 29.62 28.97 -23.96
CA SER A 1081 29.35 30.23 -24.66
C SER A 1081 28.61 29.98 -25.96
N LYS A 1082 29.00 28.96 -26.72
CA LYS A 1082 28.35 28.66 -27.98
C LYS A 1082 27.41 27.47 -27.91
N GLY A 1083 27.50 26.66 -26.87
CA GLY A 1083 26.64 25.50 -26.74
C GLY A 1083 26.91 24.43 -27.77
N SER A 1084 28.17 24.11 -27.99
CA SER A 1084 28.57 23.12 -28.97
C SER A 1084 29.33 21.99 -28.30
N LEU A 1085 28.97 20.75 -28.64
CA LEU A 1085 29.74 19.58 -28.22
C LEU A 1085 30.80 19.27 -29.27
N LYS A 1086 32.04 19.18 -28.83
CA LYS A 1086 33.14 18.84 -29.71
C LYS A 1086 34.15 18.01 -28.93
N GLN A 1087 35.05 17.38 -29.68
CA GLN A 1087 36.01 16.46 -29.09
C GLN A 1087 36.89 17.20 -28.08
N LEU A 1088 37.43 16.44 -27.13
CA LEU A 1088 38.25 17.04 -26.09
C LEU A 1088 39.46 17.71 -26.71
N PRO A 1089 39.74 18.95 -26.30
CA PRO A 1089 40.85 19.68 -26.92
C PRO A 1089 42.16 18.94 -26.71
N ALA A 1090 42.72 18.40 -27.78
CA ALA A 1090 44.00 17.72 -27.67
C ALA A 1090 44.96 18.60 -26.92
N ASN A 1091 44.67 19.89 -26.88
CA ASN A 1091 45.52 20.81 -26.16
C ASN A 1091 45.92 20.32 -24.77
N MET A 1092 45.17 19.40 -24.16
CA MET A 1092 45.45 18.97 -22.82
C MET A 1092 44.46 17.96 -22.37
N LYS A 1093 44.67 17.34 -21.23
CA LYS A 1093 43.64 16.45 -20.71
C LYS A 1093 43.49 16.70 -19.21
N PRO A 1094 42.32 16.53 -18.65
CA PRO A 1094 42.14 16.87 -17.23
C PRO A 1094 42.51 15.75 -16.27
N LYS A 1095 43.65 15.10 -16.51
CA LYS A 1095 44.16 14.06 -15.61
C LYS A 1095 43.05 13.12 -15.16
N PHE A 1096 42.53 12.35 -16.11
CA PHE A 1096 41.34 11.53 -15.86
C PHE A 1096 41.78 10.48 -14.87
N SER A 1097 41.79 10.90 -13.61
CA SER A 1097 42.36 10.12 -12.52
C SER A 1097 41.45 8.92 -12.26
N THR A 1098 41.66 8.13 -11.22
CA THR A 1098 41.24 6.74 -11.25
C THR A 1098 41.87 6.11 -12.47
N ILE A 1099 43.18 6.19 -12.55
CA ILE A 1099 43.96 5.28 -13.36
C ILE A 1099 43.88 3.95 -12.64
N LYS A 1100 43.31 2.95 -13.32
CA LYS A 1100 43.01 1.66 -12.71
C LYS A 1100 44.24 1.01 -12.08
N GLU A 1130 31.25 -20.54 -2.27
CA GLU A 1130 29.81 -20.71 -2.44
C GLU A 1130 29.07 -20.34 -1.17
N ILE A 1131 28.02 -19.54 -1.33
CA ILE A 1131 27.21 -19.10 -0.19
C ILE A 1131 25.72 -19.27 -0.43
N ARG A 1132 25.32 -19.85 -1.56
CA ARG A 1132 23.92 -19.89 -1.92
C ARG A 1132 23.13 -20.81 -1.01
N LEU A 1133 21.99 -20.30 -0.53
CA LEU A 1133 21.19 -20.89 0.52
C LEU A 1133 19.98 -21.59 -0.08
N ALA A 1134 19.64 -22.75 0.48
CA ALA A 1134 18.45 -23.47 0.06
C ALA A 1134 17.21 -22.76 0.57
N THR A 1135 16.29 -22.46 -0.34
CA THR A 1135 15.24 -21.48 -0.08
C THR A 1135 13.86 -22.11 -0.19
N LEU A 1136 12.96 -21.63 0.66
CA LEU A 1136 11.54 -21.91 0.56
C LEU A 1136 10.81 -20.59 0.36
N ASP A 1137 10.09 -20.46 -0.74
CA ASP A 1137 9.27 -19.29 -1.01
C ASP A 1137 7.83 -19.64 -0.68
N ILE A 1138 7.23 -18.93 0.26
CA ILE A 1138 5.84 -19.10 0.61
C ILE A 1138 5.06 -17.89 0.09
N PHE A 1139 3.87 -18.14 -0.45
CA PHE A 1139 3.09 -17.13 -1.15
C PHE A 1139 3.87 -16.57 -2.34
N ALA A 1140 4.25 -17.45 -3.27
CA ALA A 1140 5.32 -17.13 -4.22
C ALA A 1140 4.85 -16.16 -5.31
N GLY A 1141 3.85 -16.55 -6.08
CA GLY A 1141 3.38 -15.69 -7.15
C GLY A 1141 3.94 -16.06 -8.50
N CYS A 1142 4.59 -15.11 -9.17
CA CYS A 1142 5.28 -15.43 -10.41
C CYS A 1142 6.80 -15.47 -10.25
N GLY A 1143 7.34 -14.89 -9.19
CA GLY A 1143 8.75 -15.07 -8.88
C GLY A 1143 9.59 -13.82 -8.88
N GLY A 1144 8.97 -12.67 -8.59
CA GLY A 1144 9.72 -11.42 -8.60
C GLY A 1144 10.81 -11.35 -7.55
N LEU A 1145 10.54 -11.86 -6.35
CA LEU A 1145 11.55 -11.85 -5.30
C LEU A 1145 12.61 -12.93 -5.52
N SER A 1146 12.20 -14.12 -5.98
CA SER A 1146 13.14 -15.20 -6.20
C SER A 1146 14.04 -14.95 -7.40
N HIS A 1147 13.54 -14.27 -8.43
CA HIS A 1147 14.39 -13.94 -9.57
C HIS A 1147 15.51 -13.00 -9.18
N GLY A 1148 15.20 -11.98 -8.37
CA GLY A 1148 16.22 -11.06 -7.92
C GLY A 1148 17.16 -11.66 -6.89
N LEU A 1149 16.67 -12.59 -6.08
CA LEU A 1149 17.52 -13.22 -5.08
C LEU A 1149 18.36 -14.35 -5.67
N LYS A 1150 17.96 -14.89 -6.82
CA LYS A 1150 18.76 -15.88 -7.50
C LYS A 1150 19.77 -15.24 -8.45
N LYS A 1151 19.42 -14.08 -9.01
CA LYS A 1151 20.37 -13.32 -9.81
C LYS A 1151 21.55 -12.87 -8.98
N ALA A 1152 21.30 -12.45 -7.74
CA ALA A 1152 22.36 -11.94 -6.88
C ALA A 1152 23.25 -13.03 -6.32
N GLY A 1153 22.78 -14.28 -6.28
CA GLY A 1153 23.62 -15.38 -5.88
C GLY A 1153 23.39 -15.92 -4.48
N VAL A 1154 22.25 -15.66 -3.86
CA VAL A 1154 21.99 -16.14 -2.52
C VAL A 1154 20.93 -17.24 -2.49
N SER A 1155 19.92 -17.18 -3.36
CA SER A 1155 18.80 -18.10 -3.33
C SER A 1155 18.93 -19.13 -4.45
N ASP A 1156 18.40 -20.32 -4.18
CA ASP A 1156 18.05 -21.29 -5.23
C ASP A 1156 16.67 -21.80 -4.84
N ALA A 1157 15.64 -21.28 -5.50
CA ALA A 1157 14.29 -21.49 -5.00
C ALA A 1157 13.89 -22.93 -5.22
N LYS A 1158 14.21 -23.80 -4.27
CA LYS A 1158 14.00 -25.22 -4.46
C LYS A 1158 12.55 -25.63 -4.21
N TRP A 1159 11.86 -24.97 -3.29
CA TRP A 1159 10.46 -25.26 -3.01
C TRP A 1159 9.65 -23.97 -3.03
N ALA A 1160 8.37 -24.09 -3.38
CA ALA A 1160 7.49 -22.94 -3.48
C ALA A 1160 6.05 -23.36 -3.24
N ILE A 1161 5.27 -22.46 -2.65
CA ILE A 1161 3.87 -22.77 -2.36
C ILE A 1161 2.91 -21.68 -2.83
N GLU A 1162 2.36 -21.84 -4.02
CA GLU A 1162 1.37 -20.89 -4.52
C GLU A 1162 0.11 -21.68 -4.79
N TYR A 1163 -1.01 -21.27 -4.21
CA TYR A 1163 -2.22 -22.08 -4.36
C TYR A 1163 -3.02 -21.86 -5.67
N GLU A 1164 -2.76 -20.79 -6.40
CA GLU A 1164 -3.43 -20.65 -7.71
C GLU A 1164 -2.74 -21.34 -8.94
N GLU A 1165 -3.48 -22.02 -9.83
CA GLU A 1165 -2.93 -22.68 -11.02
C GLU A 1165 -2.18 -21.74 -11.96
N PRO A 1166 -2.70 -20.56 -12.32
CA PRO A 1166 -1.94 -19.72 -13.27
C PRO A 1166 -0.60 -19.26 -12.74
N ALA A 1167 -0.56 -18.77 -11.50
CA ALA A 1167 0.70 -18.31 -10.93
C ALA A 1167 1.68 -19.46 -10.71
N GLY A 1168 1.19 -20.64 -10.36
CA GLY A 1168 2.07 -21.79 -10.23
C GLY A 1168 2.69 -22.21 -11.54
N GLN A 1169 1.90 -22.21 -12.62
CA GLN A 1169 2.45 -22.49 -13.93
C GLN A 1169 3.46 -21.43 -14.35
N ALA A 1170 3.16 -20.16 -14.06
CA ALA A 1170 4.10 -19.08 -14.39
C ALA A 1170 5.41 -19.23 -13.64
N PHE A 1171 5.35 -19.62 -12.36
CA PHE A 1171 6.57 -19.85 -11.58
C PHE A 1171 7.37 -21.00 -12.16
N LYS A 1172 6.72 -22.13 -12.44
CA LYS A 1172 7.44 -23.28 -12.97
C LYS A 1172 7.98 -23.03 -14.38
N GLN A 1173 7.41 -22.08 -15.11
CA GLN A 1173 7.92 -21.74 -16.45
C GLN A 1173 9.28 -21.08 -16.39
N ASN A 1174 9.58 -20.36 -15.31
CA ASN A 1174 10.77 -19.53 -15.22
C ASN A 1174 11.83 -20.09 -14.30
N HIS A 1175 11.47 -20.98 -13.38
CA HIS A 1175 12.41 -21.63 -12.47
C HIS A 1175 12.22 -23.13 -12.60
N PRO A 1176 12.71 -23.72 -13.69
CA PRO A 1176 12.30 -25.08 -14.05
C PRO A 1176 12.80 -26.16 -13.09
N GLU A 1177 13.73 -25.86 -12.21
CA GLU A 1177 14.28 -26.84 -11.28
C GLU A 1177 13.69 -26.72 -9.90
N SER A 1178 12.57 -26.01 -9.76
CA SER A 1178 11.93 -25.80 -8.47
C SER A 1178 10.74 -26.74 -8.32
N THR A 1179 10.50 -27.16 -7.08
CA THR A 1179 9.39 -28.02 -6.73
C THR A 1179 8.23 -27.12 -6.27
N VAL A 1180 7.15 -27.12 -7.03
CA VAL A 1180 6.03 -26.21 -6.78
C VAL A 1180 4.87 -27.01 -6.20
N PHE A 1181 4.30 -26.49 -5.12
CA PHE A 1181 3.12 -27.07 -4.50
C PHE A 1181 1.97 -26.11 -4.74
N VAL A 1182 0.98 -26.54 -5.52
CA VAL A 1182 -0.25 -25.77 -5.68
C VAL A 1182 -1.22 -26.32 -4.65
N ASP A 1183 -1.08 -25.81 -3.43
CA ASP A 1183 -1.88 -26.23 -2.28
C ASP A 1183 -1.87 -25.10 -1.27
N ASN A 1184 -2.91 -25.05 -0.45
CA ASN A 1184 -2.96 -24.09 0.65
C ASN A 1184 -1.84 -24.37 1.63
N CYS A 1185 -1.24 -23.32 2.18
CA CYS A 1185 -0.18 -23.55 3.15
C CYS A 1185 -0.71 -24.15 4.45
N ASN A 1186 -2.01 -24.03 4.71
CA ASN A 1186 -2.61 -24.66 5.87
C ASN A 1186 -2.62 -26.18 5.75
N VAL A 1187 -2.80 -26.71 4.54
CA VAL A 1187 -2.73 -28.16 4.38
C VAL A 1187 -1.26 -28.61 4.24
N ILE A 1188 -0.39 -27.80 3.65
CA ILE A 1188 0.99 -28.19 3.48
C ILE A 1188 1.72 -28.25 4.82
N LEU A 1189 1.46 -27.29 5.72
CA LEU A 1189 2.12 -27.33 7.01
C LEU A 1189 1.61 -28.48 7.86
N ARG A 1190 0.33 -28.81 7.73
CA ARG A 1190 -0.21 -29.99 8.42
C ARG A 1190 0.46 -31.26 7.93
N ALA A 1191 0.66 -31.37 6.62
CA ALA A 1191 1.33 -32.56 6.07
C ALA A 1191 2.79 -32.63 6.52
N ILE A 1192 3.48 -31.49 6.55
CA ILE A 1192 4.87 -31.46 6.99
C ILE A 1192 4.98 -31.88 8.46
N MET A 1193 4.11 -31.35 9.32
CA MET A 1193 4.16 -31.77 10.72
C MET A 1193 3.76 -33.23 10.89
N GLU A 1194 2.83 -33.72 10.09
CA GLU A 1194 2.46 -35.12 10.14
C GLU A 1194 3.60 -36.03 9.70
N LYS A 1195 4.50 -35.53 8.85
CA LYS A 1195 5.62 -36.32 8.37
C LYS A 1195 6.77 -36.38 9.37
N GLY A 1196 6.70 -35.64 10.47
CA GLY A 1196 7.77 -35.64 11.44
C GLY A 1196 7.35 -36.22 12.79
N GLY A 1197 6.09 -36.60 12.91
CA GLY A 1197 5.55 -37.07 14.16
C GLY A 1197 5.01 -35.98 15.06
N ASP A 1198 5.10 -34.73 14.65
CA ASP A 1198 4.70 -33.58 15.47
C ASP A 1198 3.29 -33.13 15.13
N GLN A 1199 2.36 -34.05 15.27
CA GLN A 1199 0.95 -33.74 15.05
C GLN A 1199 0.25 -33.25 16.31
N ASP A 1200 0.93 -33.29 17.45
CA ASP A 1200 0.39 -32.73 18.69
C ASP A 1200 0.78 -31.28 18.92
N ASP A 1201 1.82 -30.78 18.24
CA ASP A 1201 2.15 -29.36 18.26
C ASP A 1201 1.31 -28.55 17.28
N CYS A 1202 0.40 -29.19 16.56
CA CYS A 1202 -0.31 -28.56 15.46
C CYS A 1202 -1.70 -28.14 15.93
N VAL A 1203 -2.09 -26.93 15.57
CA VAL A 1203 -3.45 -26.44 15.74
C VAL A 1203 -4.06 -26.35 14.36
N SER A 1204 -4.97 -27.26 14.04
CA SER A 1204 -5.51 -27.40 12.70
C SER A 1204 -7.00 -27.72 12.79
N THR A 1205 -7.69 -27.54 11.66
CA THR A 1205 -9.09 -27.92 11.53
C THR A 1205 -9.19 -29.29 10.87
N THR A 1206 -10.34 -29.94 11.06
CA THR A 1206 -10.49 -31.31 10.57
C THR A 1206 -10.53 -31.37 9.05
N GLU A 1207 -11.08 -30.36 8.39
CA GLU A 1207 -11.13 -30.40 6.93
C GLU A 1207 -9.73 -30.31 6.34
N ALA A 1208 -8.85 -29.50 6.94
CA ALA A 1208 -7.45 -29.49 6.52
C ALA A 1208 -6.78 -30.82 6.81
N ASN A 1209 -7.17 -31.50 7.89
CA ASN A 1209 -6.63 -32.83 8.17
C ASN A 1209 -6.99 -33.81 7.06
N GLU A 1210 -8.24 -33.77 6.59
CA GLU A 1210 -8.65 -34.64 5.49
C GLU A 1210 -7.91 -34.29 4.19
N LEU A 1211 -7.75 -32.99 3.91
CA LEU A 1211 -7.02 -32.61 2.70
C LEU A 1211 -5.56 -33.03 2.76
N ALA A 1212 -4.95 -33.01 3.94
CA ALA A 1212 -3.58 -33.49 4.07
C ALA A 1212 -3.49 -35.00 3.95
N ALA A 1213 -4.55 -35.72 4.34
CA ALA A 1213 -4.57 -37.16 4.12
C ALA A 1213 -4.83 -37.51 2.66
N LYS A 1214 -5.37 -36.59 1.88
CA LYS A 1214 -5.56 -36.81 0.45
C LYS A 1214 -4.36 -36.39 -0.38
N LEU A 1215 -3.15 -36.83 -0.01
CA LEU A 1215 -1.98 -36.54 -0.81
C LEU A 1215 -1.40 -37.82 -1.38
N THR A 1216 -0.78 -37.68 -2.54
CA THR A 1216 -0.15 -38.81 -3.21
C THR A 1216 1.17 -39.13 -2.53
N GLU A 1217 1.56 -40.40 -2.59
CA GLU A 1217 2.83 -40.80 -2.00
C GLU A 1217 3.99 -40.10 -2.66
N GLU A 1218 3.86 -39.77 -3.95
CA GLU A 1218 4.91 -39.05 -4.66
C GLU A 1218 5.09 -37.64 -4.11
N GLN A 1219 3.99 -36.95 -3.82
CA GLN A 1219 4.08 -35.59 -3.30
C GLN A 1219 4.66 -35.56 -1.89
N LYS A 1220 4.34 -36.56 -1.07
CA LYS A 1220 4.82 -36.58 0.31
C LYS A 1220 6.33 -36.72 0.39
N SER A 1221 6.92 -37.51 -0.50
CA SER A 1221 8.36 -37.74 -0.43
C SER A 1221 9.17 -36.57 -0.94
N THR A 1222 8.55 -35.59 -1.60
CA THR A 1222 9.24 -34.41 -2.08
C THR A 1222 9.03 -33.20 -1.18
N LEU A 1223 8.60 -33.41 0.06
CA LEU A 1223 8.31 -32.32 0.97
C LEU A 1223 9.58 -31.85 1.67
N PRO A 1224 9.61 -30.58 2.08
CA PRO A 1224 10.75 -30.08 2.88
C PRO A 1224 10.61 -30.48 4.35
N LEU A 1225 11.51 -31.21 4.82
CA LEU A 1225 11.50 -31.45 6.25
C LEU A 1225 12.42 -30.46 6.95
N PRO A 1226 12.18 -30.17 8.22
CA PRO A 1226 13.07 -29.26 8.95
C PRO A 1226 14.49 -29.79 9.01
N GLY A 1227 15.44 -28.94 8.66
CA GLY A 1227 16.83 -29.32 8.54
C GLY A 1227 17.39 -28.98 7.18
N GLN A 1228 16.55 -29.00 6.15
CA GLN A 1228 16.98 -28.79 4.78
C GLN A 1228 16.70 -27.39 4.26
N VAL A 1229 16.07 -26.52 5.05
CA VAL A 1229 15.77 -25.16 4.62
C VAL A 1229 16.64 -24.18 5.40
N ASP A 1230 17.36 -23.32 4.68
CA ASP A 1230 18.25 -22.34 5.26
C ASP A 1230 17.79 -20.90 5.07
N PHE A 1231 16.71 -20.67 4.33
CA PHE A 1231 16.25 -19.32 4.04
C PHE A 1231 14.77 -19.39 3.71
N ILE A 1232 13.97 -18.51 4.31
CA ILE A 1232 12.53 -18.45 4.07
C ILE A 1232 12.15 -17.02 3.74
N ASN A 1233 11.47 -16.83 2.62
CA ASN A 1233 10.98 -15.52 2.19
C ASN A 1233 9.50 -15.62 1.84
N GLY A 1234 8.78 -14.50 2.01
CA GLY A 1234 7.35 -14.54 1.80
C GLY A 1234 6.60 -13.24 1.89
N GLY A 1235 5.46 -13.19 1.20
CA GLY A 1235 4.66 -11.99 1.04
C GLY A 1235 3.23 -12.09 1.55
N PRO A 1236 3.02 -12.60 2.76
CA PRO A 1236 1.67 -13.03 3.18
C PRO A 1236 0.64 -11.92 3.05
N PRO A 1237 -0.61 -12.26 2.67
CA PRO A 1237 -1.53 -11.14 2.58
C PRO A 1237 -2.14 -10.77 3.93
N CYS A 1238 -1.31 -10.35 4.87
CA CYS A 1238 -1.82 -9.92 6.17
C CYS A 1238 -2.90 -8.86 6.00
N GLN A 1239 -3.87 -8.82 6.90
CA GLN A 1239 -4.98 -7.87 6.75
C GLN A 1239 -5.16 -6.97 7.96
N GLY A 1240 -6.29 -6.28 8.03
CA GLY A 1240 -6.55 -5.37 9.13
C GLY A 1240 -8.00 -5.22 9.50
N PHE A 1241 -8.41 -5.33 10.77
CA PHE A 1241 -9.82 -5.33 11.19
C PHE A 1241 -9.81 -5.12 12.67
N SER A 1242 -10.12 -6.16 13.44
CA SER A 1242 -10.10 -6.08 14.90
C SER A 1242 -10.07 -7.47 15.49
N GLY A 1243 -10.87 -8.37 14.93
CA GLY A 1243 -10.94 -9.72 15.47
C GLY A 1243 -12.34 -10.04 15.95
N MET A 1244 -12.54 -11.28 16.39
CA MET A 1244 -13.84 -11.70 16.88
C MET A 1244 -14.97 -11.16 15.99
N TRP A 1252 -10.54 -11.75 18.30
CA TRP A 1252 -9.72 -12.96 18.19
C TRP A 1252 -10.27 -14.00 17.23
N SER A 1253 -11.59 -14.18 17.21
CA SER A 1253 -12.19 -15.10 16.25
C SER A 1253 -11.95 -14.65 14.81
N LYS A 1254 -11.95 -13.36 14.56
CA LYS A 1254 -11.72 -12.82 13.23
C LYS A 1254 -10.24 -12.58 12.94
N VAL A 1255 -9.39 -12.65 13.96
CA VAL A 1255 -7.95 -12.63 13.79
C VAL A 1255 -7.37 -14.04 13.56
N GLN A 1256 -8.06 -15.09 14.03
CA GLN A 1256 -7.53 -16.44 13.90
C GLN A 1256 -7.37 -16.87 12.45
N CYS A 1257 -7.99 -16.16 11.51
CA CYS A 1257 -8.04 -16.56 10.12
C CYS A 1257 -7.02 -15.84 9.25
N GLU A 1258 -5.97 -15.29 9.86
CA GLU A 1258 -5.00 -14.47 9.15
C GLU A 1258 -3.76 -15.27 8.77
N MET A 1259 -3.21 -14.96 7.61
CA MET A 1259 -2.17 -15.77 7.01
C MET A 1259 -0.79 -15.48 7.58
N ILE A 1260 -0.65 -14.43 8.39
CA ILE A 1260 0.62 -14.14 9.03
C ILE A 1260 0.92 -15.18 10.10
N LEU A 1261 -0.12 -15.78 10.68
CA LEU A 1261 0.10 -16.79 11.72
C LEU A 1261 0.71 -18.06 11.15
N ALA A 1262 0.29 -18.48 9.95
CA ALA A 1262 0.85 -19.67 9.33
C ALA A 1262 2.29 -19.45 8.87
N PHE A 1263 2.58 -18.27 8.33
CA PHE A 1263 3.95 -17.91 7.98
C PHE A 1263 4.86 -17.95 9.21
N LEU A 1264 4.39 -17.40 10.32
CA LEU A 1264 5.18 -17.41 11.55
C LEU A 1264 5.34 -18.83 12.10
N SER A 1265 4.35 -19.70 11.88
CA SER A 1265 4.48 -21.09 12.29
C SER A 1265 5.48 -21.84 11.42
N PHE A 1266 5.57 -21.48 10.13
CA PHE A 1266 6.62 -22.03 9.28
C PHE A 1266 7.99 -21.65 9.80
N ALA A 1267 8.16 -20.38 10.19
CA ALA A 1267 9.43 -19.96 10.78
C ALA A 1267 9.70 -20.66 12.11
N ASP A 1268 8.66 -20.92 12.90
CA ASP A 1268 8.86 -21.58 14.19
C ASP A 1268 9.23 -23.05 14.02
N TYR A 1269 8.63 -23.73 13.05
CA TYR A 1269 8.94 -25.15 12.87
C TYR A 1269 10.30 -25.36 12.22
N PHE A 1270 10.64 -24.55 11.21
CA PHE A 1270 11.87 -24.82 10.45
C PHE A 1270 13.11 -24.18 11.07
N ARG A 1271 12.98 -23.00 11.68
CA ARG A 1271 14.08 -22.25 12.29
C ARG A 1271 15.22 -22.02 11.30
N PRO A 1272 15.01 -21.24 10.25
CA PRO A 1272 16.06 -21.05 9.25
C PRO A 1272 17.16 -20.12 9.75
N ARG A 1273 18.21 -20.02 8.95
CA ARG A 1273 19.27 -19.05 9.22
C ARG A 1273 18.76 -17.64 9.00
N TYR A 1274 18.09 -17.40 7.88
CA TYR A 1274 17.62 -16.07 7.52
C TYR A 1274 16.13 -16.13 7.21
N PHE A 1275 15.45 -15.01 7.45
CA PHE A 1275 14.02 -14.88 7.29
C PHE A 1275 13.73 -13.49 6.75
N LEU A 1276 12.97 -13.42 5.65
CA LEU A 1276 12.63 -12.14 5.04
C LEU A 1276 11.13 -12.06 4.80
N LEU A 1277 10.54 -10.95 5.25
CA LEU A 1277 9.12 -10.68 5.10
C LEU A 1277 8.94 -9.40 4.29
N GLU A 1278 8.06 -9.42 3.32
CA GLU A 1278 7.70 -8.22 2.57
C GLU A 1278 6.20 -8.05 2.60
N ASN A 1279 5.74 -6.81 2.68
CA ASN A 1279 4.31 -6.53 2.76
C ASN A 1279 4.12 -5.05 2.42
N VAL A 1280 2.87 -4.61 2.41
CA VAL A 1280 2.58 -3.22 2.08
C VAL A 1280 2.99 -2.31 3.23
N ARG A 1281 3.15 -1.02 2.92
CA ARG A 1281 3.68 -0.09 3.92
C ARG A 1281 2.69 0.15 5.06
N THR A 1282 1.41 -0.13 4.84
CA THR A 1282 0.40 0.09 5.88
C THR A 1282 0.51 -0.96 6.98
N PHE A 1283 1.34 -1.99 6.79
CA PHE A 1283 1.53 -3.05 7.76
C PHE A 1283 1.95 -2.52 9.12
N VAL A 1284 2.70 -1.41 9.16
CA VAL A 1284 3.13 -0.85 10.44
C VAL A 1284 2.05 -0.04 11.12
N SER A 1285 0.85 0.06 10.53
CA SER A 1285 -0.23 0.82 11.15
C SER A 1285 -1.58 0.09 11.08
N PHE A 1286 -1.60 -1.20 10.76
CA PHE A 1286 -2.80 -2.01 10.92
C PHE A 1286 -3.15 -2.19 12.40
N ASN A 1287 -4.46 -2.22 12.67
CA ASN A 1287 -4.99 -2.57 13.98
C ASN A 1287 -4.28 -1.86 15.12
N LYS A 1288 -4.15 -0.54 14.99
CA LYS A 1288 -3.49 0.28 16.00
C LYS A 1288 -2.05 -0.16 16.23
N GLY A 1289 -1.38 -0.62 15.19
CA GLY A 1289 -0.02 -1.09 15.33
C GLY A 1289 0.12 -2.40 16.06
N GLN A 1290 -0.95 -3.17 16.22
CA GLN A 1290 -0.89 -4.38 17.02
C GLN A 1290 -0.36 -5.57 16.24
N THR A 1291 -0.65 -5.67 14.94
CA THR A 1291 -0.10 -6.76 14.14
C THR A 1291 1.42 -6.66 14.07
N PHE A 1292 1.95 -5.46 13.86
CA PHE A 1292 3.39 -5.24 13.82
C PHE A 1292 4.05 -5.56 15.16
N GLN A 1293 3.45 -5.07 16.26
CA GLN A 1293 3.99 -5.33 17.58
C GLN A 1293 3.99 -6.82 17.91
N LEU A 1294 2.90 -7.51 17.55
CA LEU A 1294 2.82 -8.93 17.84
C LEU A 1294 3.75 -9.75 16.94
N THR A 1295 3.94 -9.34 15.69
CA THR A 1295 4.90 -10.00 14.82
C THR A 1295 6.31 -9.90 15.39
N LEU A 1296 6.69 -8.70 15.84
CA LEU A 1296 7.99 -8.55 16.46
C LEU A 1296 8.12 -9.40 17.71
N ALA A 1297 7.09 -9.40 18.57
CA ALA A 1297 7.19 -10.16 19.81
C ALA A 1297 7.26 -11.66 19.55
N SER A 1298 6.56 -12.13 18.51
CA SER A 1298 6.63 -13.53 18.11
C SER A 1298 8.03 -13.89 17.63
N LEU A 1299 8.62 -13.03 16.79
CA LEU A 1299 9.96 -13.30 16.27
C LEU A 1299 11.02 -13.19 17.36
N LEU A 1300 10.75 -12.41 18.41
CA LEU A 1300 11.69 -12.27 19.51
C LEU A 1300 11.55 -13.37 20.55
N GLU A 1301 10.39 -14.02 20.62
CA GLU A 1301 10.24 -15.16 21.51
C GLU A 1301 11.01 -16.39 21.02
N MET A 1302 11.36 -16.44 19.74
CA MET A 1302 12.15 -17.55 19.21
C MET A 1302 13.66 -17.34 19.38
N GLY A 1303 14.15 -16.12 19.17
CA GLY A 1303 15.57 -15.87 19.32
C GLY A 1303 16.19 -15.16 18.14
N TYR A 1304 15.37 -14.61 17.26
CA TYR A 1304 15.85 -13.81 16.13
C TYR A 1304 16.36 -12.43 16.52
N GLN A 1305 17.24 -11.92 15.67
CA GLN A 1305 17.48 -10.50 15.49
C GLN A 1305 16.46 -10.00 14.50
N VAL A 1306 15.90 -8.81 14.75
CA VAL A 1306 14.84 -8.27 13.91
C VAL A 1306 15.23 -6.85 13.49
N ARG A 1307 14.84 -6.48 12.27
CA ARG A 1307 15.08 -5.18 11.68
C ARG A 1307 13.93 -4.84 10.76
N PHE A 1308 13.47 -3.59 10.79
CA PHE A 1308 12.32 -3.15 9.99
C PHE A 1308 12.65 -1.88 9.22
N GLY A 1309 11.97 -1.69 8.09
CA GLY A 1309 12.22 -0.53 7.26
C GLY A 1309 11.23 -0.43 6.11
N ILE A 1310 11.12 0.79 5.59
CA ILE A 1310 10.29 1.08 4.43
C ILE A 1310 11.17 1.64 3.33
N LEU A 1311 11.08 1.06 2.13
CA LEU A 1311 11.92 1.41 1.00
C LEU A 1311 11.07 1.82 -0.19
N GLU A 1312 11.63 2.69 -1.02
CA GLU A 1312 10.95 3.19 -2.21
C GLU A 1312 11.65 2.64 -3.46
N ALA A 1313 10.87 2.04 -4.35
CA ALA A 1313 11.44 1.33 -5.49
C ALA A 1313 11.97 2.27 -6.57
N GLY A 1314 11.40 3.48 -6.69
CA GLY A 1314 11.80 4.37 -7.75
C GLY A 1314 13.21 4.90 -7.65
N ALA A 1315 13.78 4.90 -6.45
CA ALA A 1315 15.14 5.34 -6.23
C ALA A 1315 16.18 4.28 -6.57
N TYR A 1316 15.75 3.14 -7.11
CA TYR A 1316 16.66 2.07 -7.47
C TYR A 1316 16.65 1.74 -8.96
N GLY A 1317 15.82 2.40 -9.75
CA GLY A 1317 15.93 2.26 -11.20
C GLY A 1317 14.66 1.95 -11.96
N VAL A 1318 13.49 2.15 -11.36
CA VAL A 1318 12.23 1.84 -12.02
C VAL A 1318 11.43 3.13 -12.16
N SER A 1319 10.38 3.05 -12.97
CA SER A 1319 9.49 4.18 -13.22
C SER A 1319 8.23 4.14 -12.37
N GLN A 1320 8.17 3.27 -11.37
CA GLN A 1320 6.99 3.13 -10.54
C GLN A 1320 7.32 3.47 -9.10
N SER A 1321 6.36 4.10 -8.42
CA SER A 1321 6.53 4.59 -7.06
C SER A 1321 5.88 3.62 -6.07
N ARG A 1322 6.54 2.50 -5.84
CA ARG A 1322 6.01 1.45 -4.98
C ARG A 1322 6.74 1.50 -3.65
N LYS A 1323 5.98 1.63 -2.56
CA LYS A 1323 6.53 1.65 -1.22
C LYS A 1323 6.25 0.32 -0.53
N ARG A 1324 7.28 -0.29 0.04
CA ARG A 1324 7.16 -1.61 0.64
C ARG A 1324 7.81 -1.62 2.01
N ALA A 1325 7.30 -2.48 2.89
CA ALA A 1325 7.80 -2.66 4.24
C ALA A 1325 8.49 -4.01 4.34
N PHE A 1326 9.73 -4.00 4.86
CA PHE A 1326 10.55 -5.20 4.92
C PHE A 1326 10.95 -5.47 6.36
N ILE A 1327 10.96 -6.75 6.74
CA ILE A 1327 11.45 -7.20 8.03
C ILE A 1327 12.52 -8.25 7.77
N TRP A 1328 13.72 -8.02 8.30
CA TRP A 1328 14.83 -8.95 8.22
C TRP A 1328 15.00 -9.65 9.56
N ALA A 1329 15.12 -10.97 9.53
CA ALA A 1329 15.37 -11.73 10.74
C ALA A 1329 16.55 -12.66 10.51
N ALA A 1330 17.45 -12.71 11.48
CA ALA A 1330 18.63 -13.57 11.43
C ALA A 1330 18.80 -14.26 12.78
N ALA A 1331 19.53 -15.37 12.75
CA ALA A 1331 19.84 -16.11 13.95
C ALA A 1331 20.71 -15.26 14.87
N PRO A 1332 20.92 -15.69 16.11
CA PRO A 1332 21.84 -14.96 16.99
C PRO A 1332 23.24 -14.81 16.43
N GLU A 1333 23.74 -15.77 15.65
CA GLU A 1333 25.16 -15.81 15.28
C GLU A 1333 25.41 -15.39 13.84
N GLU A 1334 24.49 -14.64 13.24
CA GLU A 1334 24.66 -14.18 11.87
C GLU A 1334 24.84 -12.67 11.87
N VAL A 1335 24.91 -12.10 10.67
CA VAL A 1335 25.02 -10.67 10.48
C VAL A 1335 23.74 -10.19 9.81
N LEU A 1336 23.12 -9.17 10.37
CA LEU A 1336 21.85 -8.68 9.86
C LEU A 1336 22.11 -7.77 8.67
N PRO A 1337 21.51 -8.05 7.51
CA PRO A 1337 21.82 -7.28 6.30
C PRO A 1337 21.50 -5.80 6.44
N GLU A 1338 22.29 -4.99 5.76
CA GLU A 1338 22.11 -3.54 5.78
C GLU A 1338 21.02 -3.15 4.77
N TRP A 1339 20.84 -1.87 4.58
CA TRP A 1339 19.87 -1.44 3.59
C TRP A 1339 20.58 -0.89 2.36
N PRO A 1340 20.07 -1.15 1.17
CA PRO A 1340 20.73 -0.66 -0.04
C PRO A 1340 20.66 0.86 -0.19
N GLU A 1341 21.65 1.40 -0.86
CA GLU A 1341 21.78 2.84 -1.07
C GLU A 1341 20.95 3.28 -2.28
N PRO A 1342 20.09 4.29 -2.14
CA PRO A 1342 19.35 4.79 -3.30
C PRO A 1342 20.23 5.71 -4.15
N MET A 1343 20.31 5.42 -5.43
CA MET A 1343 21.17 6.19 -6.32
C MET A 1343 20.44 6.87 -7.46
N HIS A 1344 19.11 6.84 -7.50
CA HIS A 1344 18.36 7.62 -8.47
C HIS A 1344 17.54 8.69 -7.75
N VAL A 1345 17.21 9.73 -8.49
CA VAL A 1345 16.48 10.88 -7.96
C VAL A 1345 14.99 10.59 -8.04
N PHE A 1346 14.31 10.63 -6.90
CA PHE A 1346 12.87 10.46 -6.84
C PHE A 1346 12.29 11.45 -5.84
N GLY A 1347 11.07 11.91 -6.08
CA GLY A 1347 10.47 12.91 -5.24
C GLY A 1347 9.68 12.37 -4.06
N VAL A 1348 10.36 11.73 -3.11
CA VAL A 1348 9.72 11.10 -1.96
C VAL A 1348 10.27 11.71 -0.67
N PRO A 1349 9.42 11.98 0.32
CA PRO A 1349 9.83 12.73 1.51
C PRO A 1349 10.40 11.97 2.71
N LYS A 1350 11.07 10.83 2.52
CA LYS A 1350 11.67 10.09 3.64
C LYS A 1350 10.67 9.40 4.57
N LEU A 1351 10.20 8.26 4.11
CA LEU A 1351 9.28 7.38 4.82
C LEU A 1351 9.78 7.01 6.22
N LYS A 1352 8.90 7.17 7.21
CA LYS A 1352 9.26 7.04 8.63
C LYS A 1352 8.40 6.01 9.35
N ILE A 1353 9.02 5.27 10.26
CA ILE A 1353 8.33 4.30 11.11
C ILE A 1353 8.35 4.85 12.52
N SER A 1354 7.20 4.80 13.19
CA SER A 1354 7.03 5.43 14.51
C SER A 1354 7.41 4.45 15.61
N LEU A 1355 8.60 4.63 16.16
CA LEU A 1355 8.90 4.02 17.43
C LEU A 1355 8.17 4.80 18.52
N SER A 1356 7.93 4.14 19.64
CA SER A 1356 7.11 4.83 20.63
C SER A 1356 7.93 5.87 21.38
N GLN A 1357 7.22 6.63 22.22
CA GLN A 1357 7.79 7.65 23.10
C GLN A 1357 8.29 8.87 22.33
N GLY A 1358 7.66 9.19 21.21
CA GLY A 1358 8.00 10.39 20.48
C GLY A 1358 9.19 10.30 19.55
N LEU A 1359 9.58 9.10 19.12
CA LEU A 1359 10.72 8.91 18.23
C LEU A 1359 10.25 8.34 16.90
N HIS A 1360 11.06 8.54 15.87
CA HIS A 1360 10.83 7.96 14.55
C HIS A 1360 12.12 7.37 14.02
N TYR A 1361 11.98 6.51 13.00
CA TYR A 1361 13.11 5.91 12.31
C TYR A 1361 12.87 5.97 10.80
N ALA A 1362 13.93 6.26 10.05
CA ALA A 1362 13.89 6.22 8.59
C ALA A 1362 15.09 5.43 8.09
N ALA A 1363 14.85 4.50 7.17
CA ALA A 1363 15.86 3.50 6.82
C ALA A 1363 16.91 4.06 5.87
N VAL A 1364 16.49 4.71 4.81
CA VAL A 1364 17.41 5.31 3.84
C VAL A 1364 17.13 6.80 3.76
N ARG A 1365 17.85 7.49 2.87
CA ARG A 1365 17.70 8.93 2.76
C ARG A 1365 16.68 9.28 1.68
N SER A 1366 16.46 10.57 1.49
CA SER A 1366 15.63 11.07 0.42
C SER A 1366 16.53 11.63 -0.68
N THR A 1367 16.20 11.32 -1.92
CA THR A 1367 17.03 11.69 -3.05
C THR A 1367 16.47 12.86 -3.85
N ALA A 1368 15.45 13.54 -3.34
CA ALA A 1368 14.78 14.58 -4.10
C ALA A 1368 15.67 15.80 -4.35
N LEU A 1369 16.69 16.01 -3.54
CA LEU A 1369 17.59 17.15 -3.71
C LEU A 1369 18.93 16.76 -4.33
N GLY A 1370 19.07 15.53 -4.80
CA GLY A 1370 20.30 15.14 -5.46
C GLY A 1370 20.73 13.70 -5.23
N ALA A 1371 21.06 13.00 -6.32
CA ALA A 1371 21.48 11.61 -6.22
C ALA A 1371 22.50 11.33 -7.30
N PRO A 1372 23.17 10.16 -7.23
CA PRO A 1372 24.21 9.84 -8.21
C PRO A 1372 23.72 9.74 -9.65
N PHE A 1373 22.47 9.34 -9.87
CA PHE A 1373 22.01 9.14 -11.26
C PHE A 1373 20.76 9.91 -11.66
N ARG A 1374 20.39 9.80 -12.94
CA ARG A 1374 19.23 10.51 -13.46
C ARG A 1374 17.95 9.71 -13.29
N PRO A 1375 16.84 10.39 -13.00
CA PRO A 1375 15.56 9.69 -12.91
C PRO A 1375 15.23 8.91 -14.18
N ILE A 1376 14.27 8.00 -14.11
CA ILE A 1376 13.93 7.18 -15.26
C ILE A 1376 12.48 7.46 -15.64
N THR A 1377 12.25 7.67 -16.93
CA THR A 1377 11.01 8.22 -17.46
C THR A 1377 10.17 7.15 -18.15
N VAL A 1378 9.06 7.58 -18.75
CA VAL A 1378 8.19 6.67 -19.48
C VAL A 1378 8.74 6.36 -20.86
N ARG A 1379 9.35 7.36 -21.50
CA ARG A 1379 10.01 7.14 -22.79
C ARG A 1379 11.23 6.25 -22.64
N ASP A 1380 11.94 6.33 -21.51
CA ASP A 1380 13.06 5.42 -21.27
C ASP A 1380 12.60 3.99 -21.16
N THR A 1381 11.34 3.76 -20.83
CA THR A 1381 10.84 2.42 -20.56
C THR A 1381 10.12 1.80 -21.76
N ILE A 1382 9.27 2.57 -22.44
CA ILE A 1382 8.42 1.96 -23.46
C ILE A 1382 8.58 2.62 -24.82
N GLY A 1383 9.77 3.15 -25.12
CA GLY A 1383 9.94 3.94 -26.33
C GLY A 1383 10.24 3.15 -27.59
N ASP A 1384 10.69 1.91 -27.48
CA ASP A 1384 11.10 1.14 -28.64
C ASP A 1384 10.09 0.06 -29.06
N LEU A 1385 9.01 -0.07 -28.35
CA LEU A 1385 8.07 -1.16 -28.58
C LEU A 1385 7.15 -0.84 -29.76
N PRO A 1386 6.81 -1.83 -30.56
CA PRO A 1386 5.95 -1.58 -31.73
C PRO A 1386 4.55 -1.14 -31.33
N SER A 1387 3.83 -0.63 -32.32
CA SER A 1387 2.53 -0.03 -32.13
C SER A 1387 1.45 -1.10 -32.21
N VAL A 1388 0.58 -1.15 -31.20
CA VAL A 1388 -0.52 -2.10 -31.17
C VAL A 1388 -1.83 -1.37 -30.97
N GLU A 1389 -2.91 -2.11 -31.12
CA GLU A 1389 -4.26 -1.57 -31.20
C GLU A 1389 -5.09 -2.10 -30.04
N ASN A 1390 -6.37 -1.76 -30.07
CA ASN A 1390 -7.28 -2.20 -29.02
C ASN A 1390 -7.52 -3.69 -29.12
N GLY A 1391 -7.37 -4.40 -28.00
CA GLY A 1391 -7.69 -5.81 -27.93
C GLY A 1391 -6.82 -6.69 -28.79
N ASP A 1392 -5.52 -6.46 -28.77
CA ASP A 1392 -4.57 -7.27 -29.53
C ASP A 1392 -4.22 -8.49 -28.70
N SER A 1393 -4.48 -9.68 -29.24
CA SER A 1393 -4.24 -10.91 -28.49
C SER A 1393 -2.99 -11.66 -28.92
N ARG A 1394 -2.35 -11.28 -30.02
CA ARG A 1394 -1.20 -12.03 -30.52
C ARG A 1394 -0.06 -12.03 -29.52
N THR A 1395 0.29 -13.21 -29.03
CA THR A 1395 1.28 -13.32 -27.97
C THR A 1395 2.70 -13.24 -28.51
N ASN A 1396 3.00 -13.90 -29.64
CA ASN A 1396 4.34 -13.89 -30.20
C ASN A 1396 4.40 -12.90 -31.36
N LYS A 1397 5.21 -11.87 -31.21
CA LYS A 1397 5.46 -10.87 -32.24
C LYS A 1397 6.97 -10.74 -32.46
N GLU A 1398 7.40 -9.72 -33.19
CA GLU A 1398 8.80 -9.48 -33.48
C GLU A 1398 9.14 -8.04 -33.14
N TYR A 1399 10.44 -7.77 -32.99
CA TYR A 1399 10.97 -6.43 -32.76
C TYR A 1399 11.25 -5.76 -34.09
N LYS A 1400 10.91 -4.48 -34.21
CA LYS A 1400 11.15 -3.79 -35.47
C LYS A 1400 12.14 -2.64 -35.36
N GLU A 1401 12.25 -1.99 -34.22
CA GLU A 1401 13.26 -0.96 -34.01
C GLU A 1401 14.36 -1.47 -33.08
N VAL A 1402 15.45 -0.74 -33.06
CA VAL A 1402 16.58 -1.05 -32.21
C VAL A 1402 16.48 -0.22 -30.94
N ALA A 1403 17.24 -0.59 -29.93
CA ALA A 1403 17.28 0.16 -28.70
C ALA A 1403 18.02 1.49 -28.91
N VAL A 1404 17.65 2.49 -28.12
CA VAL A 1404 18.38 3.75 -28.08
C VAL A 1404 18.84 4.09 -26.67
N SER A 1405 17.98 3.95 -25.68
CA SER A 1405 18.30 4.40 -24.34
C SER A 1405 18.94 3.29 -23.51
N TRP A 1406 19.52 3.69 -22.39
CA TRP A 1406 20.23 2.77 -21.51
C TRP A 1406 19.31 1.68 -20.98
N PHE A 1407 18.10 2.07 -20.57
CA PHE A 1407 17.16 1.11 -20.01
C PHE A 1407 16.68 0.10 -21.05
N GLN A 1408 16.44 0.56 -22.28
CA GLN A 1408 16.03 -0.35 -23.36
C GLN A 1408 17.16 -1.24 -23.85
N LYS A 1409 18.40 -0.95 -23.48
CA LYS A 1409 19.51 -1.87 -23.74
C LYS A 1409 19.73 -2.84 -22.59
N GLU A 1410 19.32 -2.48 -21.38
CA GLU A 1410 19.34 -3.42 -20.28
C GLU A 1410 18.20 -4.44 -20.36
N ILE A 1411 16.99 -3.98 -20.70
CA ILE A 1411 15.82 -4.84 -20.58
C ILE A 1411 15.80 -5.90 -21.69
N ARG A 1412 16.19 -5.54 -22.91
CA ARG A 1412 16.09 -6.48 -24.01
C ARG A 1412 17.21 -7.52 -23.97
N GLY A 1413 18.46 -7.06 -24.05
CA GLY A 1413 19.59 -7.98 -24.03
C GLY A 1413 19.86 -8.59 -25.38
N ASN A 1414 19.64 -9.90 -25.49
CA ASN A 1414 19.80 -10.63 -26.74
C ASN A 1414 18.54 -11.43 -27.06
N THR A 1415 17.39 -10.79 -26.90
CA THR A 1415 16.09 -11.44 -27.04
C THR A 1415 15.48 -11.06 -28.38
N ILE A 1416 14.99 -12.04 -29.14
CA ILE A 1416 14.42 -11.79 -30.45
C ILE A 1416 12.93 -12.04 -30.51
N ALA A 1417 12.33 -12.57 -29.44
CA ALA A 1417 10.92 -12.92 -29.42
C ALA A 1417 10.18 -12.00 -28.47
N LEU A 1418 9.19 -11.29 -28.99
CA LEU A 1418 8.41 -10.35 -28.18
C LEU A 1418 7.13 -11.06 -27.72
N THR A 1419 7.07 -11.37 -26.43
CA THR A 1419 5.94 -12.10 -25.87
C THR A 1419 5.15 -11.20 -24.93
N ASP A 1420 3.82 -11.36 -24.98
CA ASP A 1420 2.88 -10.74 -24.03
C ASP A 1420 2.73 -9.24 -24.25
N HIS A 1421 2.77 -8.82 -25.50
CA HIS A 1421 2.55 -7.40 -25.81
C HIS A 1421 1.08 -7.20 -26.19
N ILE A 1422 0.22 -7.54 -25.24
CA ILE A 1422 -1.23 -7.63 -25.41
C ILE A 1422 -1.91 -6.68 -24.43
N CYS A 1423 -3.10 -6.21 -24.79
CA CYS A 1423 -3.81 -5.25 -23.95
C CYS A 1423 -5.28 -5.64 -23.79
N LYS A 1424 -5.90 -5.06 -22.76
CA LYS A 1424 -7.29 -5.31 -22.45
C LYS A 1424 -8.21 -4.54 -23.39
N ALA A 1425 -9.28 -5.18 -23.83
CA ALA A 1425 -10.16 -4.57 -24.81
C ALA A 1425 -11.17 -3.65 -24.13
N MET A 1426 -11.23 -2.41 -24.57
CA MET A 1426 -12.27 -1.49 -24.14
C MET A 1426 -13.43 -1.58 -25.13
N ASN A 1427 -14.64 -1.44 -24.62
CA ASN A 1427 -15.81 -1.44 -25.47
C ASN A 1427 -15.88 -0.13 -26.26
N GLU A 1428 -16.92 -0.01 -27.07
CA GLU A 1428 -17.02 1.07 -28.03
C GLU A 1428 -17.07 2.43 -27.36
N LEU A 1429 -17.89 2.56 -26.31
CA LEU A 1429 -18.08 3.87 -25.69
C LEU A 1429 -16.83 4.32 -24.95
N ASN A 1430 -16.12 3.40 -24.29
CA ASN A 1430 -14.87 3.78 -23.65
C ASN A 1430 -13.78 4.13 -24.66
N LEU A 1431 -13.76 3.44 -25.80
CA LEU A 1431 -12.77 3.74 -26.83
C LEU A 1431 -12.97 5.14 -27.40
N ILE A 1432 -14.23 5.53 -27.61
CA ILE A 1432 -14.50 6.87 -28.11
C ILE A 1432 -13.96 7.93 -27.14
N ARG A 1433 -14.19 7.71 -25.85
CA ARG A 1433 -13.69 8.64 -24.84
C ARG A 1433 -12.17 8.66 -24.80
N CYS A 1434 -11.52 7.51 -24.96
CA CYS A 1434 -10.06 7.49 -24.98
C CYS A 1434 -9.49 8.19 -26.20
N LYS A 1435 -10.20 8.13 -27.33
CA LYS A 1435 -9.74 8.84 -28.52
C LYS A 1435 -9.98 10.34 -28.44
N LEU A 1436 -10.94 10.79 -27.61
CA LEU A 1436 -11.19 12.21 -27.47
C LEU A 1436 -10.46 12.86 -26.30
N ILE A 1437 -9.38 12.27 -25.81
CA ILE A 1437 -8.58 12.84 -24.74
C ILE A 1437 -7.28 13.37 -25.33
N PRO A 1438 -6.86 14.59 -25.01
CA PRO A 1438 -5.68 15.17 -25.66
C PRO A 1438 -4.38 14.55 -25.18
N THR A 1439 -3.36 14.62 -26.04
CA THR A 1439 -2.05 14.02 -25.77
C THR A 1439 -1.12 15.07 -25.14
N ARG A 1440 -1.40 15.36 -23.88
CA ARG A 1440 -0.67 16.34 -23.09
C ARG A 1440 -0.48 15.78 -21.69
N PRO A 1441 0.46 16.31 -20.93
CA PRO A 1441 0.57 15.93 -19.53
C PRO A 1441 -0.69 16.31 -18.75
N GLY A 1442 -1.08 15.43 -17.84
CA GLY A 1442 -2.21 15.70 -16.96
C GLY A 1442 -3.53 15.93 -17.66
N ALA A 1443 -3.85 15.12 -18.66
CA ALA A 1443 -5.13 15.18 -19.34
C ALA A 1443 -6.02 14.07 -18.81
N ASP A 1444 -7.24 14.41 -18.41
CA ASP A 1444 -8.12 13.45 -17.76
C ASP A 1444 -9.55 13.77 -18.17
N TRP A 1445 -10.52 13.26 -17.41
CA TRP A 1445 -11.92 13.30 -17.84
C TRP A 1445 -12.51 14.70 -17.87
N HIS A 1446 -11.82 15.70 -17.34
CA HIS A 1446 -12.29 17.08 -17.45
C HIS A 1446 -12.15 17.63 -18.87
N ASP A 1447 -11.48 16.92 -19.76
CA ASP A 1447 -11.26 17.35 -21.13
C ASP A 1447 -12.28 16.81 -22.11
N LEU A 1448 -13.22 16.03 -21.65
CA LEU A 1448 -14.19 15.41 -22.54
C LEU A 1448 -15.35 16.35 -22.80
N PRO A 1449 -15.70 16.61 -24.06
CA PRO A 1449 -16.83 17.50 -24.34
C PRO A 1449 -18.13 16.91 -23.82
N LYS A 1450 -19.03 17.79 -23.40
CA LYS A 1450 -20.38 17.41 -23.01
C LYS A 1450 -21.20 17.19 -24.28
N ARG A 1451 -21.45 15.93 -24.62
CA ARG A 1451 -22.11 15.64 -25.88
C ARG A 1451 -22.78 14.27 -25.81
N LYS A 1452 -23.67 14.00 -26.75
CA LYS A 1452 -24.41 12.76 -26.82
C LYS A 1452 -23.88 11.91 -27.97
N VAL A 1453 -23.55 10.66 -27.67
CA VAL A 1453 -22.90 9.74 -28.61
C VAL A 1453 -23.92 8.70 -29.05
N THR A 1454 -24.02 8.49 -30.36
CA THR A 1454 -24.84 7.43 -30.94
C THR A 1454 -23.95 6.29 -31.38
N LEU A 1455 -24.26 5.08 -30.93
CA LEU A 1455 -23.43 3.91 -31.14
C LEU A 1455 -24.01 3.06 -32.24
N SER A 1456 -23.38 1.91 -32.49
CA SER A 1456 -23.84 1.00 -33.53
C SER A 1456 -25.08 0.23 -33.12
N ASP A 1457 -25.37 0.14 -31.82
CA ASP A 1457 -26.58 -0.53 -31.36
C ASP A 1457 -27.83 0.33 -31.56
N GLY A 1458 -27.66 1.63 -31.73
CA GLY A 1458 -28.74 2.57 -31.63
C GLY A 1458 -28.80 3.26 -30.27
N ARG A 1459 -27.98 2.81 -29.33
CA ARG A 1459 -27.96 3.42 -28.00
C ARG A 1459 -27.40 4.84 -28.07
N VAL A 1460 -28.01 5.75 -27.33
CA VAL A 1460 -27.49 7.10 -27.13
C VAL A 1460 -26.93 7.17 -25.72
N GLU A 1461 -25.67 7.57 -25.59
CA GLU A 1461 -24.99 7.61 -24.31
C GLU A 1461 -24.34 8.97 -24.09
N GLU A 1462 -23.81 9.15 -22.88
CA GLU A 1462 -23.23 10.40 -22.42
C GLU A 1462 -21.71 10.30 -22.38
N MET A 1463 -21.05 11.34 -22.88
CA MET A 1463 -19.60 11.30 -23.02
C MET A 1463 -18.88 11.43 -21.67
N ILE A 1464 -19.42 12.23 -20.77
CA ILE A 1464 -18.76 12.53 -19.49
C ILE A 1464 -19.10 11.40 -18.51
N PRO A 1465 -18.10 10.62 -18.06
CA PRO A 1465 -18.43 9.46 -17.22
C PRO A 1465 -19.05 9.76 -15.85
N PHE A 1466 -18.42 9.26 -14.78
CA PHE A 1466 -18.98 9.42 -13.44
C PHE A 1466 -19.36 10.86 -13.08
N CYS A 1467 -20.48 11.02 -12.40
CA CYS A 1467 -20.89 12.36 -11.97
C CYS A 1467 -20.83 12.43 -10.44
N LEU A 1468 -19.80 13.07 -9.92
CA LEU A 1468 -19.62 13.15 -8.47
C LEU A 1468 -19.49 14.56 -7.86
N PRO A 1469 -19.76 15.61 -8.64
CA PRO A 1469 -19.53 16.93 -8.04
C PRO A 1469 -20.40 17.17 -6.81
N ASN A 1470 -21.67 16.77 -6.87
CA ASN A 1470 -22.58 17.04 -5.77
C ASN A 1470 -22.30 18.46 -5.35
N THR A 1471 -21.85 19.28 -6.30
CA THR A 1471 -21.51 20.69 -6.03
C THR A 1471 -21.21 21.06 -4.57
N ALA A 1472 -20.40 20.29 -3.86
CA ALA A 1472 -20.05 20.71 -2.56
C ALA A 1472 -18.81 19.96 -2.22
N GLU A 1473 -18.20 20.17 -1.05
CA GLU A 1473 -17.02 19.34 -0.81
C GLU A 1473 -17.43 17.87 -0.77
N ARG A 1474 -16.52 17.02 -0.27
CA ARG A 1474 -16.62 15.56 -0.26
C ARG A 1474 -16.15 14.99 -1.59
N HIS A 1475 -15.55 15.83 -2.43
CA HIS A 1475 -14.79 15.40 -3.59
C HIS A 1475 -13.74 16.45 -3.91
N ASN A 1476 -12.73 16.04 -4.68
CA ASN A 1476 -11.67 16.96 -5.08
C ASN A 1476 -11.56 17.07 -6.60
N GLY A 1477 -12.63 16.81 -7.33
CA GLY A 1477 -12.60 16.80 -8.78
C GLY A 1477 -12.25 15.45 -9.39
N TRP A 1478 -11.80 14.50 -8.57
CA TRP A 1478 -11.41 13.16 -9.02
C TRP A 1478 -10.41 13.23 -10.17
N LYS A 1479 -9.24 13.75 -9.84
CA LYS A 1479 -8.17 13.95 -10.83
C LYS A 1479 -7.44 12.64 -11.08
N GLY A 1480 -7.21 12.34 -12.37
CA GLY A 1480 -6.49 11.16 -12.77
C GLY A 1480 -7.35 10.07 -13.39
N LEU A 1481 -8.67 10.17 -13.31
CA LEU A 1481 -9.55 9.16 -13.87
C LEU A 1481 -9.75 9.41 -15.36
N TYR A 1482 -9.64 8.35 -16.16
CA TYR A 1482 -9.53 8.46 -17.61
C TYR A 1482 -8.30 9.28 -18.00
N GLY A 1483 -7.16 8.98 -17.37
CA GLY A 1483 -5.98 9.80 -17.50
C GLY A 1483 -4.92 9.22 -18.42
N ARG A 1484 -4.08 10.11 -18.96
CA ARG A 1484 -3.01 9.73 -19.87
C ARG A 1484 -1.66 10.03 -19.24
N LEU A 1485 -0.66 9.22 -19.59
CA LEU A 1485 0.65 9.36 -18.99
C LEU A 1485 1.46 10.47 -19.67
N ASP A 1486 2.65 10.70 -19.14
CA ASP A 1486 3.56 11.73 -19.61
C ASP A 1486 4.85 11.06 -20.04
N TRP A 1487 5.36 11.42 -21.22
CA TRP A 1487 6.60 10.82 -21.71
C TRP A 1487 7.76 11.09 -20.76
N GLN A 1488 7.78 12.24 -20.10
CA GLN A 1488 8.89 12.65 -19.25
C GLN A 1488 8.59 12.49 -17.77
N GLY A 1489 7.62 11.66 -17.41
CA GLY A 1489 7.28 11.45 -16.01
C GLY A 1489 7.54 10.02 -15.56
N ASN A 1490 6.67 9.49 -14.71
CA ASN A 1490 6.81 8.12 -14.25
C ASN A 1490 5.44 7.44 -14.19
N PHE A 1491 5.47 6.13 -13.94
CA PHE A 1491 4.26 5.32 -13.89
C PHE A 1491 3.59 5.48 -12.53
N PRO A 1492 2.30 5.77 -12.47
CA PRO A 1492 1.61 5.81 -11.17
C PRO A 1492 1.36 4.41 -10.62
N THR A 1493 1.12 4.35 -9.31
CA THR A 1493 0.66 3.11 -8.70
C THR A 1493 -0.87 3.00 -8.75
N SER A 1494 -1.41 3.22 -9.94
CA SER A 1494 -2.80 2.92 -10.23
C SER A 1494 -2.90 2.09 -11.50
N VAL A 1495 -1.78 1.82 -12.16
CA VAL A 1495 -1.73 0.89 -13.29
C VAL A 1495 -1.60 -0.54 -12.81
N THR A 1496 -1.65 -0.77 -11.50
CA THR A 1496 -1.75 -2.11 -10.95
C THR A 1496 -3.13 -2.66 -11.25
N ASP A 1497 -3.21 -3.60 -12.19
CA ASP A 1497 -4.47 -4.18 -12.67
C ASP A 1497 -5.39 -3.10 -13.24
N PRO A 1498 -5.10 -2.58 -14.43
CA PRO A 1498 -6.00 -1.59 -15.05
C PRO A 1498 -7.39 -2.16 -15.28
N GLN A 1499 -8.39 -1.33 -15.06
CA GLN A 1499 -9.77 -1.73 -15.26
C GLN A 1499 -10.35 -1.02 -16.46
N PRO A 1500 -11.04 -1.75 -17.35
CA PRO A 1500 -11.49 -1.13 -18.60
C PRO A 1500 -12.90 -0.56 -18.58
N MET A 1501 -13.68 -0.74 -17.52
CA MET A 1501 -15.10 -0.42 -17.64
C MET A 1501 -15.60 0.70 -16.74
N GLY A 1502 -15.47 0.59 -15.42
CA GLY A 1502 -16.18 1.55 -14.59
C GLY A 1502 -15.45 2.78 -14.11
N LYS A 1503 -14.36 2.59 -13.38
CA LYS A 1503 -13.57 3.68 -12.83
C LYS A 1503 -12.15 3.50 -13.34
N VAL A 1504 -11.90 4.02 -14.53
CA VAL A 1504 -10.77 3.55 -15.33
C VAL A 1504 -9.44 3.88 -14.66
N GLY A 1505 -9.21 5.13 -14.35
CA GLY A 1505 -7.95 5.54 -13.74
C GLY A 1505 -7.00 6.10 -14.76
N MET A 1506 -5.72 6.12 -14.41
CA MET A 1506 -4.68 6.65 -15.27
C MET A 1506 -3.88 5.49 -15.84
N CYS A 1507 -4.28 5.03 -17.02
CA CYS A 1507 -3.64 3.89 -17.64
C CYS A 1507 -3.49 4.00 -19.15
N PHE A 1508 -3.84 5.13 -19.77
CA PHE A 1508 -3.78 5.24 -21.21
C PHE A 1508 -2.34 5.49 -21.68
N HIS A 1509 -2.08 5.10 -22.93
CA HIS A 1509 -0.77 5.31 -23.52
C HIS A 1509 -0.56 6.79 -23.85
N PRO A 1510 0.68 7.29 -23.70
CA PRO A 1510 0.91 8.72 -23.96
C PRO A 1510 0.58 9.18 -25.37
N GLU A 1511 0.63 8.31 -26.38
CA GLU A 1511 0.28 8.76 -27.71
C GLU A 1511 -0.70 7.84 -28.44
N GLN A 1512 -0.71 6.56 -28.10
CA GLN A 1512 -1.61 5.61 -28.72
C GLN A 1512 -2.92 5.50 -27.96
N HIS A 1513 -3.99 5.27 -28.70
CA HIS A 1513 -5.33 5.21 -28.12
C HIS A 1513 -5.61 3.78 -27.66
N ARG A 1514 -5.05 3.46 -26.50
CA ARG A 1514 -5.18 2.12 -25.92
C ARG A 1514 -4.69 2.15 -24.48
N ILE A 1515 -4.89 1.03 -23.80
CA ILE A 1515 -4.44 0.85 -22.43
C ILE A 1515 -3.04 0.24 -22.45
N LEU A 1516 -2.30 0.39 -21.35
CA LEU A 1516 -0.96 -0.16 -21.29
C LEU A 1516 -0.98 -1.68 -21.45
N THR A 1517 -0.04 -2.19 -22.23
CA THR A 1517 0.03 -3.62 -22.45
C THR A 1517 0.65 -4.31 -21.23
N VAL A 1518 0.55 -5.64 -21.23
CA VAL A 1518 1.16 -6.44 -20.17
C VAL A 1518 2.67 -6.28 -20.17
N ARG A 1519 3.28 -6.27 -21.36
CA ARG A 1519 4.73 -6.12 -21.44
C ARG A 1519 5.15 -4.75 -20.93
N GLU A 1520 4.38 -3.71 -21.22
CA GLU A 1520 4.73 -2.37 -20.75
C GLU A 1520 4.61 -2.26 -19.23
N CYS A 1521 3.58 -2.89 -18.65
CA CYS A 1521 3.47 -2.90 -17.20
C CYS A 1521 4.57 -3.75 -16.56
N ALA A 1522 5.10 -4.73 -17.30
CA ALA A 1522 6.18 -5.55 -16.79
C ALA A 1522 7.52 -4.81 -16.82
N ARG A 1523 7.71 -3.89 -17.77
CA ARG A 1523 8.95 -3.15 -17.83
C ARG A 1523 9.02 -2.03 -16.80
N SER A 1524 7.87 -1.54 -16.33
CA SER A 1524 7.85 -0.51 -15.30
C SER A 1524 8.18 -1.06 -13.92
N GLN A 1525 8.24 -2.38 -13.77
CA GLN A 1525 8.70 -3.00 -12.54
C GLN A 1525 10.06 -3.66 -12.67
N GLY A 1526 10.67 -3.62 -13.84
CA GLY A 1526 12.01 -4.15 -14.01
C GLY A 1526 12.08 -5.58 -14.49
N PHE A 1527 10.97 -6.15 -14.96
CA PHE A 1527 10.98 -7.53 -15.44
C PHE A 1527 11.65 -7.60 -16.82
N PRO A 1528 12.66 -8.43 -17.01
CA PRO A 1528 13.31 -8.52 -18.32
C PRO A 1528 12.34 -8.99 -19.38
N ASP A 1529 12.71 -8.75 -20.64
CA ASP A 1529 11.87 -9.11 -21.76
C ASP A 1529 11.75 -10.62 -21.94
N SER A 1530 12.66 -11.40 -21.36
CA SER A 1530 12.61 -12.85 -21.49
C SER A 1530 11.66 -13.52 -20.51
N TYR A 1531 11.24 -12.81 -19.46
CA TYR A 1531 10.41 -13.40 -18.41
C TYR A 1531 9.02 -13.75 -18.96
N GLU A 1532 8.50 -14.89 -18.53
CA GLU A 1532 7.24 -15.43 -19.04
C GLU A 1532 6.16 -15.43 -17.97
N PHE A 1533 4.93 -15.24 -18.41
CA PHE A 1533 3.75 -15.22 -17.56
C PHE A 1533 2.75 -16.26 -18.06
N ALA A 1534 1.70 -16.49 -17.27
CA ALA A 1534 0.76 -17.55 -17.60
C ALA A 1534 -0.66 -17.19 -17.18
N GLY A 1535 -1.63 -17.70 -17.93
CA GLY A 1535 -3.03 -17.56 -17.60
C GLY A 1535 -3.78 -16.76 -18.64
N ASN A 1536 -4.88 -16.16 -18.21
CA ASN A 1536 -5.55 -15.18 -19.04
C ASN A 1536 -4.99 -13.80 -18.71
N ILE A 1537 -5.48 -12.77 -19.39
CA ILE A 1537 -4.87 -11.45 -19.28
C ILE A 1537 -5.02 -10.90 -17.87
N ASN A 1538 -6.16 -11.18 -17.22
CA ASN A 1538 -6.39 -10.70 -15.86
C ASN A 1538 -5.41 -11.32 -14.88
N HIS A 1539 -5.14 -12.63 -15.03
CA HIS A 1539 -4.19 -13.29 -14.12
C HIS A 1539 -2.78 -12.77 -14.33
N LYS A 1540 -2.42 -12.45 -15.57
CA LYS A 1540 -1.08 -11.93 -15.83
C LYS A 1540 -0.90 -10.54 -15.25
N HIS A 1541 -1.92 -9.68 -15.39
CA HIS A 1541 -1.86 -8.36 -14.76
C HIS A 1541 -1.78 -8.48 -13.24
N ARG A 1542 -2.50 -9.44 -12.67
CA ARG A 1542 -2.43 -9.66 -11.22
C ARG A 1542 -1.04 -10.13 -10.79
N GLN A 1543 -0.45 -11.03 -11.57
CA GLN A 1543 0.89 -11.53 -11.26
C GLN A 1543 1.93 -10.42 -11.27
N ILE A 1544 1.81 -9.49 -12.20
CA ILE A 1544 2.72 -8.35 -12.25
C ILE A 1544 2.44 -7.36 -11.13
N GLY A 1545 1.16 -7.15 -10.79
CA GLY A 1545 0.83 -6.17 -9.76
C GLY A 1545 1.24 -6.59 -8.36
N ASN A 1546 1.17 -7.88 -8.06
CA ASN A 1546 1.50 -8.32 -6.70
C ASN A 1546 2.98 -8.41 -6.41
N ALA A 1547 3.85 -8.32 -7.42
CA ALA A 1547 5.24 -8.73 -7.29
C ALA A 1547 6.12 -7.63 -6.68
N VAL A 1548 7.18 -8.07 -6.02
CA VAL A 1548 8.29 -7.18 -5.65
C VAL A 1548 9.17 -6.98 -6.86
N PRO A 1549 9.50 -5.74 -7.23
CA PRO A 1549 10.29 -5.50 -8.44
C PRO A 1549 11.63 -6.25 -8.39
N PRO A 1550 11.98 -6.93 -9.46
CA PRO A 1550 13.25 -7.68 -9.51
C PRO A 1550 14.48 -6.80 -9.34
N PRO A 1551 14.47 -5.52 -9.76
CA PRO A 1551 15.62 -4.65 -9.45
C PRO A 1551 15.82 -4.41 -7.96
N LEU A 1552 14.72 -4.11 -7.26
CA LEU A 1552 14.79 -3.91 -5.81
C LEU A 1552 15.16 -5.20 -5.09
N ALA A 1553 14.74 -6.34 -5.62
CA ALA A 1553 15.08 -7.62 -5.01
C ALA A 1553 16.53 -7.99 -5.26
N PHE A 1554 17.12 -7.49 -6.34
CA PHE A 1554 18.55 -7.70 -6.58
C PHE A 1554 19.39 -6.88 -5.61
N ALA A 1555 18.98 -5.64 -5.36
CA ALA A 1555 19.72 -4.78 -4.43
C ALA A 1555 19.68 -5.34 -3.01
N LEU A 1556 18.52 -5.84 -2.58
CA LEU A 1556 18.40 -6.43 -1.26
C LEU A 1556 19.23 -7.70 -1.12
N GLY A 1557 19.26 -8.52 -2.16
CA GLY A 1557 20.02 -9.76 -2.12
C GLY A 1557 21.52 -9.56 -2.25
N ARG A 1558 21.94 -8.42 -2.78
CA ARG A 1558 23.36 -8.13 -2.87
C ARG A 1558 23.91 -7.66 -1.52
N LYS A 1559 23.07 -7.08 -0.67
CA LYS A 1559 23.47 -6.76 0.69
C LYS A 1559 23.53 -8.00 1.58
N LEU A 1560 22.71 -9.02 1.29
CA LEU A 1560 22.80 -10.28 2.02
C LEU A 1560 24.09 -11.03 1.65
N LYS A 1561 24.51 -10.93 0.39
CA LYS A 1561 25.75 -11.57 -0.04
C LYS A 1561 26.98 -10.95 0.63
N GLU A 1562 26.90 -9.68 1.00
CA GLU A 1562 27.97 -9.07 1.75
C GLU A 1562 27.94 -9.50 3.21
N ALA A 1563 26.75 -9.65 3.77
CA ALA A 1563 26.60 -10.15 5.12
C ALA A 1563 26.97 -11.63 5.26
N LEU A 1564 26.90 -12.39 4.16
CA LEU A 1564 27.27 -13.79 4.20
C LEU A 1564 28.78 -14.01 4.07
N HIS A 1565 29.52 -12.97 3.67
CA HIS A 1565 30.98 -13.04 3.61
C HIS A 1565 31.64 -12.54 4.89
N LEU A 1566 30.90 -11.84 5.76
CA LEU A 1566 31.46 -11.25 6.96
C LEU A 1566 31.36 -12.15 8.18
N LYS A 1567 30.78 -13.34 8.04
CA LYS A 1567 30.47 -14.19 9.18
C LYS A 1567 31.71 -14.66 9.92
N SAH B . 6.10 -11.82 -3.34
CA SAH B . 5.22 -12.50 -4.15
CB SAH B . 3.79 -12.01 -3.92
CG SAH B . 3.07 -12.70 -2.82
SD SAH B . 1.39 -12.43 -3.17
C SAH B . 5.90 -12.15 -5.39
O SAH B . 5.40 -12.25 -6.48
OXT SAH B . 7.02 -11.86 -5.31
C5' SAH B . 0.61 -13.68 -2.26
C4' SAH B . 0.41 -14.85 -3.16
O4' SAH B . 0.07 -15.93 -2.31
C3' SAH B . -0.73 -14.65 -4.11
O3' SAH B . -0.37 -15.07 -5.42
C2' SAH B . -1.78 -15.58 -3.66
O2' SAH B . -2.31 -16.23 -4.81
C1' SAH B . -1.09 -16.58 -2.79
N9 SAH B . -1.88 -16.99 -1.64
C8 SAH B . -2.85 -16.33 -1.03
N7 SAH B . -3.32 -17.07 0.00
C5 SAH B . -2.63 -18.21 0.04
C6 SAH B . -2.59 -19.42 0.84
N6 SAH B . -3.42 -19.59 1.86
N1 SAH B . -1.70 -20.38 0.54
C2 SAH B . -0.85 -20.25 -0.47
N3 SAH B . -0.84 -19.16 -1.24
C4 SAH B . -1.68 -18.14 -1.04
ZN ZN C . 29.61 4.32 29.10
#